data_1YM2
#
_entry.id   1YM2
#
_cell.length_a   82.261
_cell.length_b   103.258
_cell.length_c   100.621
_cell.angle_alpha   90.00
_cell.angle_beta   104.12
_cell.angle_gamma   90.00
#
_symmetry.space_group_name_H-M   'P 1 21 1'
#
loop_
_entity.id
_entity.type
_entity.pdbx_description
1 polymer 'Beta-secretase 1'
2 polymer 'NVP-AUR200 INHIBITOR'
3 water water
#
loop_
_entity_poly.entity_id
_entity_poly.type
_entity_poly.pdbx_seq_one_letter_code
_entity_poly.pdbx_strand_id
1 'polypeptide(L)'
;GPDEEPEEPGRRGSFVEMVDNLRGKSGQGYYVEMTVGSPPQTLNILVDTGSSNFAVGAAPHPFLHRYYQRQLSSTYRDLR
KGVYVPYTQGKWEGELGTDLVSIPHGPNVTVRANIAAITESDKFFINGSNWEGILGLAYAEIARPDDSLEPFFDSLVKQT
HVPNLFSLQLCGAGFPLNQSEVLASVGGSMIIGGIDHSLYTGSLWYTPIRREWYYEVIIVRVEINGQDLKMDCKEYNYDK
SIVDSGTTNLRLPKKVFEAAVKSIKAASSTEKFPDGFWLGEQLVCWQAGTTPWNIFPVISLYLMGEVTNQSFRITILPQQ
YLRPVEDVATSQDDCYKFAISQSSTGTVMGAVIMEGFYVVFDRARKRIGFAVSACHVHDEFRTAAVEGPFVTLDMEDCGY
NI
;
A,B,C
2 'polypeptide(L)' (ACE)LM(24O)V(LYT) X,Y,Z
#
# COMPACT_ATOMS: atom_id res chain seq x y z
N SER A 14 30.78 -14.64 16.71
CA SER A 14 30.09 -15.81 17.34
C SER A 14 28.67 -15.96 16.82
N PHE A 15 28.37 -15.32 15.70
CA PHE A 15 27.03 -15.41 15.13
C PHE A 15 26.76 -16.77 14.49
N VAL A 16 27.82 -17.52 14.20
CA VAL A 16 27.64 -18.83 13.58
C VAL A 16 26.73 -19.71 14.44
N GLU A 17 26.80 -19.53 15.75
CA GLU A 17 25.98 -20.31 16.67
C GLU A 17 24.49 -20.02 16.51
N MET A 18 24.15 -18.92 15.82
CA MET A 18 22.75 -18.57 15.64
C MET A 18 22.22 -18.89 14.24
N VAL A 19 23.13 -19.18 13.32
CA VAL A 19 22.72 -19.50 11.96
C VAL A 19 21.85 -20.76 11.99
N ASP A 20 20.75 -20.72 11.23
CA ASP A 20 19.83 -21.84 11.15
C ASP A 20 19.10 -22.13 12.46
N ASN A 21 18.96 -21.11 13.32
CA ASN A 21 18.28 -21.32 14.60
C ASN A 21 16.76 -21.16 14.51
N LEU A 22 16.24 -21.03 13.30
CA LEU A 22 14.79 -20.88 13.10
C LEU A 22 14.23 -22.05 12.31
N ARG A 23 12.98 -22.39 12.59
CA ARG A 23 12.28 -23.45 11.90
C ARG A 23 10.88 -22.95 11.56
N GLY A 24 10.17 -23.68 10.71
CA GLY A 24 8.83 -23.29 10.33
C GLY A 24 8.78 -22.78 8.91
N LYS A 25 7.61 -22.32 8.49
CA LYS A 25 7.41 -21.81 7.14
C LYS A 25 6.59 -20.53 7.19
N SER A 26 6.43 -19.88 6.04
CA SER A 26 5.67 -18.64 5.95
C SER A 26 4.21 -18.79 6.36
N GLY A 27 3.61 -19.91 5.99
CA GLY A 27 2.21 -20.15 6.30
C GLY A 27 1.87 -20.26 7.77
N GLN A 28 2.77 -20.84 8.57
CA GLN A 28 2.52 -21.01 9.99
C GLN A 28 3.53 -20.28 10.88
N GLY A 29 4.35 -19.42 10.27
CA GLY A 29 5.31 -18.66 11.04
C GLY A 29 6.64 -19.36 11.26
N TYR A 30 7.62 -18.57 11.71
CA TYR A 30 8.96 -19.09 12.01
C TYR A 30 9.16 -18.96 13.51
N TYR A 31 9.79 -19.97 14.10
CA TYR A 31 10.02 -19.95 15.53
C TYR A 31 11.44 -20.28 15.95
N VAL A 32 11.81 -19.76 17.11
CA VAL A 32 13.13 -19.97 17.67
C VAL A 32 12.94 -20.67 19.01
N GLU A 33 13.88 -21.52 19.38
CA GLU A 33 13.78 -22.22 20.65
C GLU A 33 14.21 -21.29 21.77
N MET A 34 13.48 -21.33 22.88
CA MET A 34 13.79 -20.50 24.03
C MET A 34 13.52 -21.28 25.30
N THR A 35 14.05 -20.81 26.41
CA THR A 35 13.82 -21.47 27.69
C THR A 35 13.34 -20.44 28.70
N VAL A 36 12.42 -20.86 29.56
CA VAL A 36 11.87 -19.97 30.57
C VAL A 36 11.83 -20.70 31.90
N GLY A 37 12.08 -19.97 32.98
CA GLY A 37 12.05 -20.55 34.30
C GLY A 37 13.30 -21.28 34.77
N SER A 38 13.29 -21.67 36.04
CA SER A 38 14.40 -22.40 36.65
C SER A 38 13.80 -23.54 37.46
N PRO A 39 14.07 -24.79 37.07
CA PRO A 39 14.91 -25.18 35.93
C PRO A 39 14.33 -24.77 34.59
N PRO A 40 15.20 -24.51 33.59
CA PRO A 40 14.84 -24.10 32.24
C PRO A 40 13.78 -24.95 31.56
N GLN A 41 12.69 -24.31 31.15
CA GLN A 41 11.61 -24.99 30.44
C GLN A 41 11.72 -24.60 28.97
N THR A 42 11.90 -25.61 28.12
CA THR A 42 12.05 -25.38 26.69
C THR A 42 10.74 -25.22 25.93
N LEU A 43 10.67 -24.16 25.12
CA LEU A 43 9.49 -23.86 24.32
C LEU A 43 9.89 -23.23 22.99
N ASN A 44 9.11 -23.51 21.95
CA ASN A 44 9.37 -22.91 20.65
C ASN A 44 8.55 -21.63 20.58
N ILE A 45 9.21 -20.53 20.27
CA ILE A 45 8.58 -19.21 20.23
C ILE A 45 8.57 -18.56 18.84
N LEU A 46 7.38 -18.19 18.37
CA LEU A 46 7.26 -17.54 17.07
C LEU A 46 7.85 -16.14 17.07
N VAL A 47 8.59 -15.82 16.02
CA VAL A 47 9.22 -14.51 15.87
C VAL A 47 8.22 -13.58 15.20
N ASP A 48 7.77 -12.55 15.93
CA ASP A 48 6.78 -11.61 15.41
C ASP A 48 7.24 -10.14 15.48
N THR A 49 7.70 -9.61 14.35
CA THR A 49 8.14 -8.21 14.35
C THR A 49 6.93 -7.25 14.30
N GLY A 50 5.73 -7.83 14.30
CA GLY A 50 4.52 -7.02 14.26
C GLY A 50 3.85 -6.74 15.60
N SER A 51 4.45 -7.21 16.69
CA SER A 51 3.89 -6.98 18.03
C SER A 51 5.05 -6.80 19.02
N SER A 52 4.72 -6.48 20.27
CA SER A 52 5.76 -6.24 21.27
C SER A 52 5.61 -6.96 22.60
N ASN A 53 4.77 -7.98 22.64
CA ASN A 53 4.58 -8.75 23.87
C ASN A 53 5.20 -10.13 23.78
N PHE A 54 5.88 -10.54 24.85
CA PHE A 54 6.45 -11.88 24.91
C PHE A 54 5.40 -12.67 25.66
N ALA A 55 4.84 -13.71 25.03
CA ALA A 55 3.82 -14.51 25.70
C ALA A 55 3.90 -15.98 25.36
N VAL A 56 3.60 -16.83 26.34
CA VAL A 56 3.66 -18.27 26.14
C VAL A 56 2.43 -18.97 26.71
N GLY A 57 2.03 -20.05 26.05
CA GLY A 57 0.88 -20.80 26.56
C GLY A 57 1.23 -21.28 27.96
N ALA A 58 0.36 -21.00 28.92
CA ALA A 58 0.61 -21.42 30.30
C ALA A 58 -0.56 -22.23 30.83
N ALA A 59 -1.36 -22.75 29.89
CA ALA A 59 -2.52 -23.57 30.22
C ALA A 59 -2.79 -24.50 29.05
N PRO A 60 -3.34 -25.68 29.33
CA PRO A 60 -3.66 -26.69 28.32
C PRO A 60 -4.43 -26.14 27.13
N HIS A 61 -4.17 -26.70 25.95
CA HIS A 61 -4.84 -26.29 24.72
C HIS A 61 -4.66 -27.40 23.69
N PRO A 62 -5.70 -27.71 22.92
CA PRO A 62 -5.70 -28.75 21.89
C PRO A 62 -4.52 -28.68 20.92
N PHE A 63 -4.04 -27.48 20.63
CA PHE A 63 -2.94 -27.30 19.70
C PHE A 63 -1.58 -27.19 20.39
N LEU A 64 -1.57 -27.20 21.72
CA LEU A 64 -0.31 -27.11 22.46
C LEU A 64 0.15 -28.49 22.93
N HIS A 65 1.37 -28.86 22.55
CA HIS A 65 1.95 -30.13 22.94
C HIS A 65 2.62 -30.00 24.29
N ARG A 66 2.89 -28.75 24.67
CA ARG A 66 3.51 -28.44 25.95
C ARG A 66 3.23 -26.98 26.29
N TYR A 67 3.39 -26.61 27.55
CA TYR A 67 3.15 -25.24 27.96
C TYR A 67 3.94 -24.85 29.20
N TYR A 68 4.04 -23.55 29.42
CA TYR A 68 4.75 -22.97 30.55
C TYR A 68 4.05 -23.28 31.86
N GLN A 69 4.78 -23.87 32.81
CA GLN A 69 4.24 -24.21 34.11
C GLN A 69 4.92 -23.38 35.20
N ARG A 70 4.34 -22.22 35.49
CA ARG A 70 4.86 -21.31 36.50
C ARG A 70 5.13 -22.01 37.83
N GLN A 71 4.30 -23.00 38.13
CA GLN A 71 4.43 -23.77 39.36
C GLN A 71 5.77 -24.49 39.47
N LEU A 72 6.35 -24.88 38.34
CA LEU A 72 7.63 -25.60 38.33
C LEU A 72 8.85 -24.70 38.30
N SER A 73 8.65 -23.40 38.15
CA SER A 73 9.77 -22.47 38.11
C SER A 73 9.94 -21.74 39.43
N SER A 74 11.13 -21.83 40.00
CA SER A 74 11.41 -21.18 41.28
C SER A 74 11.76 -19.71 41.10
N THR A 75 12.12 -19.32 39.89
CA THR A 75 12.47 -17.93 39.61
C THR A 75 11.30 -17.11 39.09
N TYR A 76 10.15 -17.76 38.94
CA TYR A 76 8.95 -17.07 38.45
C TYR A 76 8.42 -16.06 39.47
N ARG A 77 8.07 -14.87 38.99
CA ARG A 77 7.52 -13.82 39.85
C ARG A 77 6.21 -13.32 39.26
N ASP A 78 5.20 -13.15 40.11
CA ASP A 78 3.90 -12.69 39.66
C ASP A 78 3.81 -11.18 39.72
N LEU A 79 3.28 -10.57 38.66
CA LEU A 79 3.12 -9.13 38.61
C LEU A 79 1.71 -8.72 39.05
N ARG A 80 0.88 -9.71 39.34
CA ARG A 80 -0.49 -9.45 39.79
C ARG A 80 -1.25 -8.54 38.83
N LYS A 81 -1.04 -8.74 37.54
CA LYS A 81 -1.72 -7.95 36.52
C LYS A 81 -2.16 -8.84 35.37
N GLY A 82 -3.37 -8.60 34.89
CA GLY A 82 -3.90 -9.38 33.79
C GLY A 82 -3.54 -8.68 32.50
N VAL A 83 -3.75 -9.36 31.37
CA VAL A 83 -3.42 -8.75 30.09
C VAL A 83 -4.02 -9.52 28.94
N TYR A 84 -4.24 -8.82 27.83
CA TYR A 84 -4.77 -9.45 26.64
C TYR A 84 -4.17 -8.70 25.45
N VAL A 85 -3.99 -9.41 24.35
CA VAL A 85 -3.44 -8.80 23.15
C VAL A 85 -4.20 -9.28 21.96
N PRO A 86 -4.85 -8.36 21.24
CA PRO A 86 -5.62 -8.73 20.05
C PRO A 86 -4.71 -8.54 18.84
N TYR A 87 -4.80 -9.43 17.86
CA TYR A 87 -3.99 -9.33 16.65
C TYR A 87 -4.93 -9.21 15.46
N THR A 88 -4.39 -8.84 14.30
CA THR A 88 -5.18 -8.72 13.09
C THR A 88 -6.07 -9.95 13.00
N GLN A 89 -5.49 -11.10 13.34
CA GLN A 89 -6.22 -12.35 13.35
C GLN A 89 -5.73 -13.18 14.54
N GLY A 90 -6.64 -13.43 15.48
CA GLY A 90 -6.29 -14.19 16.68
C GLY A 90 -6.11 -13.28 17.87
N LYS A 91 -6.28 -13.82 19.07
CA LYS A 91 -6.13 -13.04 20.29
C LYS A 91 -5.99 -13.96 21.51
N TRP A 92 -5.46 -13.44 22.60
CA TRP A 92 -5.30 -14.22 23.82
C TRP A 92 -5.28 -13.33 25.03
N GLU A 93 -5.49 -13.93 26.20
CA GLU A 93 -5.46 -13.18 27.45
C GLU A 93 -4.69 -14.01 28.46
N GLY A 94 -4.14 -13.35 29.48
CA GLY A 94 -3.40 -14.09 30.48
C GLY A 94 -2.99 -13.26 31.67
N GLU A 95 -2.00 -13.76 32.41
CA GLU A 95 -1.49 -13.09 33.60
C GLU A 95 -0.02 -12.70 33.44
N LEU A 96 0.29 -11.44 33.76
CA LEU A 96 1.65 -10.94 33.66
C LEU A 96 2.54 -11.41 34.80
N GLY A 97 3.84 -11.48 34.52
CA GLY A 97 4.80 -11.91 35.51
C GLY A 97 6.18 -11.89 34.86
N THR A 98 7.22 -12.19 35.63
CA THR A 98 8.57 -12.21 35.08
C THR A 98 9.25 -13.53 35.40
N ASP A 99 10.35 -13.81 34.71
CA ASP A 99 11.11 -15.03 34.93
C ASP A 99 12.38 -14.95 34.09
N LEU A 100 13.30 -15.89 34.29
CA LEU A 100 14.54 -15.91 33.55
C LEU A 100 14.35 -16.53 32.17
N VAL A 101 14.84 -15.85 31.14
CA VAL A 101 14.70 -16.31 29.78
C VAL A 101 16.05 -16.41 29.08
N SER A 102 16.24 -17.50 28.32
CA SER A 102 17.47 -17.73 27.59
C SER A 102 17.14 -18.17 26.17
N ILE A 103 18.13 -18.06 25.28
CA ILE A 103 17.97 -18.46 23.89
C ILE A 103 19.14 -19.39 23.56
N PRO A 104 18.93 -20.70 23.74
CA PRO A 104 19.93 -21.75 23.48
C PRO A 104 20.81 -21.48 22.27
N HIS A 105 20.19 -21.28 21.11
CA HIS A 105 20.93 -21.01 19.90
C HIS A 105 20.91 -19.52 19.64
N GLY A 106 21.46 -18.78 20.59
CA GLY A 106 21.53 -17.34 20.50
C GLY A 106 22.68 -16.88 21.37
N PRO A 107 22.64 -15.63 21.87
CA PRO A 107 23.73 -15.16 22.73
C PRO A 107 23.74 -15.93 24.05
N ASN A 108 24.92 -16.14 24.60
CA ASN A 108 25.05 -16.88 25.86
C ASN A 108 24.77 -15.99 27.07
N VAL A 109 23.51 -15.62 27.25
CA VAL A 109 23.10 -14.78 28.36
C VAL A 109 21.72 -15.17 28.87
N THR A 110 21.41 -14.75 30.08
CA THR A 110 20.12 -15.03 30.70
C THR A 110 19.57 -13.71 31.23
N VAL A 111 18.34 -13.39 30.86
CA VAL A 111 17.73 -12.15 31.32
C VAL A 111 16.35 -12.34 31.92
N ARG A 112 16.00 -11.46 32.84
CA ARG A 112 14.69 -11.52 33.47
C ARG A 112 13.80 -10.60 32.65
N ALA A 113 12.85 -11.19 31.94
CA ALA A 113 11.96 -10.40 31.10
C ALA A 113 10.50 -10.61 31.45
N ASN A 114 9.67 -9.68 30.99
CA ASN A 114 8.24 -9.78 31.22
C ASN A 114 7.72 -10.96 30.42
N ILE A 115 6.77 -11.68 30.98
CA ILE A 115 6.20 -12.83 30.31
C ILE A 115 4.70 -12.91 30.58
N ALA A 116 3.92 -13.00 29.52
CA ALA A 116 2.48 -13.10 29.66
C ALA A 116 2.12 -14.59 29.59
N ALA A 117 1.56 -15.11 30.67
CA ALA A 117 1.16 -16.51 30.73
C ALA A 117 -0.24 -16.63 30.13
N ILE A 118 -0.32 -17.20 28.93
CA ILE A 118 -1.58 -17.35 28.24
C ILE A 118 -2.49 -18.40 28.88
N THR A 119 -3.64 -17.95 29.37
CA THR A 119 -4.62 -18.83 30.01
C THR A 119 -5.82 -19.15 29.11
N GLU A 120 -6.13 -18.24 28.19
CA GLU A 120 -7.21 -18.43 27.23
C GLU A 120 -6.79 -17.79 25.92
N SER A 121 -7.25 -18.35 24.80
CA SER A 121 -6.89 -17.81 23.50
C SER A 121 -7.99 -18.12 22.49
N ASP A 122 -8.03 -17.34 21.42
CA ASP A 122 -9.04 -17.54 20.38
C ASP A 122 -8.39 -17.42 19.01
N LYS A 123 -8.31 -18.53 18.29
CA LYS A 123 -7.72 -18.56 16.95
C LYS A 123 -6.30 -18.00 16.93
N PHE A 124 -5.57 -18.18 18.02
CA PHE A 124 -4.20 -17.71 18.11
C PHE A 124 -3.24 -18.84 17.76
N PHE A 125 -3.31 -19.93 18.51
CA PHE A 125 -2.44 -21.07 18.26
C PHE A 125 -2.90 -21.79 17.01
N ILE A 126 -1.95 -22.26 16.21
CA ILE A 126 -2.25 -22.96 14.97
C ILE A 126 -1.98 -24.45 15.11
N ASN A 127 -2.86 -25.26 14.53
CA ASN A 127 -2.72 -26.71 14.59
C ASN A 127 -1.45 -27.16 13.86
N GLY A 128 -0.56 -27.81 14.59
CA GLY A 128 0.67 -28.32 14.00
C GLY A 128 1.73 -27.30 13.60
N SER A 129 1.76 -26.16 14.27
CA SER A 129 2.75 -25.12 13.97
C SER A 129 4.07 -25.43 14.66
N ASN A 130 3.96 -26.09 15.82
CA ASN A 130 5.11 -26.49 16.63
C ASN A 130 5.62 -25.40 17.59
N TRP A 131 4.95 -24.26 17.64
CA TRP A 131 5.37 -23.21 18.57
C TRP A 131 4.32 -23.01 19.66
N GLU A 132 4.77 -22.71 20.87
CA GLU A 132 3.86 -22.54 22.00
C GLU A 132 3.83 -21.14 22.59
N GLY A 133 4.51 -20.20 21.93
CA GLY A 133 4.55 -18.85 22.42
C GLY A 133 4.85 -17.86 21.29
N ILE A 134 4.92 -16.59 21.62
CA ILE A 134 5.19 -15.57 20.63
C ILE A 134 6.17 -14.53 21.18
N LEU A 135 7.10 -14.10 20.34
CA LEU A 135 8.09 -13.12 20.74
C LEU A 135 7.88 -11.83 19.97
N GLY A 136 7.23 -10.86 20.60
CA GLY A 136 6.99 -9.58 19.94
C GLY A 136 8.26 -8.76 19.95
N LEU A 137 8.80 -8.51 18.76
CA LEU A 137 10.04 -7.75 18.65
C LEU A 137 9.86 -6.27 18.33
N ALA A 138 8.62 -5.81 18.20
CA ALA A 138 8.36 -4.39 17.91
C ALA A 138 8.62 -3.54 19.16
N TYR A 139 8.36 -2.24 19.09
CA TYR A 139 8.63 -1.36 20.22
C TYR A 139 7.56 -1.29 21.31
N ALA A 140 7.99 -0.90 22.51
CA ALA A 140 7.11 -0.80 23.67
C ALA A 140 5.87 0.06 23.46
N GLU A 141 5.97 1.03 22.55
CA GLU A 141 4.84 1.91 22.28
C GLU A 141 3.55 1.15 21.94
N ILE A 142 3.67 -0.04 21.35
CA ILE A 142 2.47 -0.82 21.02
C ILE A 142 2.31 -2.08 21.86
N ALA A 143 2.99 -2.12 23.00
CA ALA A 143 2.88 -3.27 23.89
C ALA A 143 1.64 -3.10 24.76
N ARG A 144 0.97 -4.21 25.07
CA ARG A 144 -0.22 -4.17 25.94
C ARG A 144 0.20 -4.60 27.35
N PRO A 145 -0.45 -4.06 28.38
CA PRO A 145 -1.54 -3.08 28.30
C PRO A 145 -1.11 -1.70 27.85
N ASP A 146 0.15 -1.35 28.12
CA ASP A 146 0.70 -0.05 27.72
C ASP A 146 2.22 -0.12 27.56
N ASP A 147 2.83 0.99 27.18
CA ASP A 147 4.27 1.01 26.96
C ASP A 147 5.16 0.89 28.20
N SER A 148 4.56 0.66 29.35
CA SER A 148 5.35 0.51 30.57
C SER A 148 5.87 -0.92 30.68
N LEU A 149 5.25 -1.81 29.92
CA LEU A 149 5.67 -3.21 29.92
C LEU A 149 6.82 -3.38 28.94
N GLU A 150 8.04 -3.28 29.45
CA GLU A 150 9.24 -3.40 28.65
C GLU A 150 9.27 -4.69 27.81
N PRO A 151 9.42 -4.55 26.49
CA PRO A 151 9.48 -5.67 25.53
C PRO A 151 10.73 -6.52 25.76
N PHE A 152 10.68 -7.79 25.38
CA PHE A 152 11.82 -8.67 25.57
C PHE A 152 13.15 -8.14 25.05
N PHE A 153 13.20 -7.73 23.79
CA PHE A 153 14.47 -7.24 23.23
C PHE A 153 15.02 -6.07 24.02
N ASP A 154 14.14 -5.16 24.45
CA ASP A 154 14.57 -4.02 25.25
C ASP A 154 15.22 -4.50 26.53
N SER A 155 14.66 -5.56 27.12
CA SER A 155 15.21 -6.11 28.36
C SER A 155 16.60 -6.70 28.12
N LEU A 156 16.73 -7.43 27.01
CA LEU A 156 18.00 -8.04 26.63
C LEU A 156 19.11 -7.01 26.48
N VAL A 157 18.85 -5.95 25.73
CA VAL A 157 19.84 -4.90 25.51
C VAL A 157 20.20 -4.13 26.78
N LYS A 158 19.23 -3.95 27.66
CA LYS A 158 19.48 -3.22 28.91
C LYS A 158 20.27 -4.04 29.92
N GLN A 159 19.99 -5.34 29.98
CA GLN A 159 20.65 -6.23 30.93
C GLN A 159 21.97 -6.85 30.44
N THR A 160 22.25 -6.75 29.15
CA THR A 160 23.48 -7.33 28.61
C THR A 160 24.21 -6.39 27.66
N HIS A 161 25.28 -6.91 27.05
CA HIS A 161 26.07 -6.13 26.10
C HIS A 161 25.71 -6.44 24.66
N VAL A 162 24.63 -7.21 24.48
CA VAL A 162 24.15 -7.55 23.15
C VAL A 162 23.75 -6.28 22.43
N PRO A 163 24.37 -6.00 21.27
CA PRO A 163 24.07 -4.79 20.49
C PRO A 163 22.57 -4.67 20.19
N ASN A 164 22.09 -3.44 20.08
CA ASN A 164 20.67 -3.17 19.82
C ASN A 164 20.28 -3.31 18.36
N LEU A 165 20.22 -4.55 17.89
CA LEU A 165 19.81 -4.85 16.53
C LEU A 165 19.78 -6.36 16.33
N PHE A 166 18.98 -6.80 15.38
CA PHE A 166 18.90 -8.21 15.06
C PHE A 166 18.59 -8.29 13.58
N SER A 167 18.81 -9.46 12.98
CA SER A 167 18.54 -9.62 11.57
C SER A 167 17.80 -10.94 11.34
N LEU A 168 17.01 -10.98 10.28
CA LEU A 168 16.25 -12.18 9.98
C LEU A 168 16.44 -12.66 8.55
N GLN A 169 16.77 -13.95 8.43
CA GLN A 169 16.93 -14.58 7.14
C GLN A 169 15.89 -15.69 7.14
N LEU A 170 14.74 -15.43 6.51
CA LEU A 170 13.69 -16.42 6.45
C LEU A 170 13.81 -17.17 5.14
N CYS A 171 13.89 -18.50 5.21
CA CYS A 171 14.03 -19.31 4.01
C CYS A 171 12.79 -20.16 3.78
N GLY A 172 12.17 -20.00 2.62
CA GLY A 172 10.97 -20.76 2.30
C GLY A 172 11.26 -22.16 1.80
N ALA A 173 10.31 -22.70 1.02
CA ALA A 173 10.46 -24.05 0.47
C ALA A 173 10.35 -24.03 -1.05
N VAL A 186 15.57 -23.98 4.11
CA VAL A 186 14.97 -24.86 5.11
C VAL A 186 15.05 -24.23 6.50
N GLY A 187 14.04 -23.44 6.85
CA GLY A 187 14.02 -22.78 8.14
C GLY A 187 14.47 -21.34 8.04
N GLY A 188 15.54 -20.99 8.75
CA GLY A 188 16.03 -19.63 8.69
C GLY A 188 16.97 -19.29 9.83
N SER A 189 17.30 -18.01 9.95
CA SER A 189 18.21 -17.58 11.00
C SER A 189 17.79 -16.24 11.60
N MET A 190 17.95 -16.12 12.91
CA MET A 190 17.69 -14.88 13.59
C MET A 190 18.98 -14.56 14.31
N ILE A 191 19.75 -13.64 13.76
CA ILE A 191 21.01 -13.23 14.35
C ILE A 191 20.74 -12.12 15.34
N ILE A 192 20.82 -12.45 16.62
CA ILE A 192 20.56 -11.50 17.67
C ILE A 192 21.83 -10.72 18.02
N GLY A 193 21.76 -9.40 17.88
CA GLY A 193 22.90 -8.57 18.21
C GLY A 193 23.85 -8.25 17.07
N GLY A 194 23.49 -8.63 15.85
CA GLY A 194 24.38 -8.33 14.75
C GLY A 194 23.94 -8.75 13.36
N ILE A 195 24.90 -8.70 12.44
CA ILE A 195 24.71 -9.06 11.04
C ILE A 195 25.76 -10.10 10.66
N ASP A 196 25.32 -11.19 10.04
CA ASP A 196 26.24 -12.25 9.62
C ASP A 196 26.34 -12.16 8.10
N HIS A 197 27.48 -11.70 7.62
CA HIS A 197 27.73 -11.51 6.19
C HIS A 197 27.64 -12.76 5.34
N SER A 198 27.75 -13.93 5.95
CA SER A 198 27.68 -15.16 5.18
C SER A 198 26.24 -15.49 4.78
N LEU A 199 25.28 -14.72 5.29
CA LEU A 199 23.88 -14.98 4.98
C LEU A 199 23.30 -14.18 3.82
N TYR A 200 24.10 -13.30 3.22
CA TYR A 200 23.60 -12.53 2.10
C TYR A 200 24.67 -12.19 1.06
N THR A 201 24.22 -11.86 -0.14
CA THR A 201 25.11 -11.49 -1.24
C THR A 201 24.77 -10.06 -1.67
N GLY A 202 25.75 -9.39 -2.26
CA GLY A 202 25.53 -8.03 -2.72
C GLY A 202 25.60 -7.01 -1.60
N SER A 203 25.03 -5.84 -1.84
CA SER A 203 25.06 -4.77 -0.85
C SER A 203 23.77 -4.67 -0.04
N LEU A 204 23.89 -4.18 1.18
CA LEU A 204 22.74 -3.97 2.05
C LEU A 204 22.19 -2.58 1.77
N TRP A 205 20.88 -2.49 1.57
CA TRP A 205 20.25 -1.20 1.33
C TRP A 205 19.33 -0.87 2.51
N TYR A 206 19.50 0.33 3.07
CA TYR A 206 18.71 0.72 4.22
C TYR A 206 17.60 1.73 3.98
N THR A 207 16.48 1.51 4.67
CA THR A 207 15.33 2.40 4.60
C THR A 207 15.09 2.80 6.06
N PRO A 208 14.75 4.07 6.30
CA PRO A 208 14.53 4.52 7.68
C PRO A 208 13.31 3.90 8.35
N ILE A 209 13.41 3.72 9.66
CA ILE A 209 12.28 3.22 10.43
C ILE A 209 11.58 4.57 10.68
N ARG A 210 10.44 4.78 10.04
CA ARG A 210 9.72 6.04 10.17
C ARG A 210 9.40 6.43 11.61
N ARG A 211 8.88 5.48 12.37
CA ARG A 211 8.49 5.72 13.76
C ARG A 211 8.65 4.43 14.54
N GLU A 212 9.06 4.56 15.80
CA GLU A 212 9.29 3.40 16.65
C GLU A 212 8.07 2.86 17.38
N TRP A 213 7.25 2.10 16.68
CA TRP A 213 6.08 1.46 17.26
C TRP A 213 6.09 0.13 16.52
N TYR A 214 5.54 0.08 15.31
CA TYR A 214 5.63 -1.13 14.51
C TYR A 214 6.93 -0.81 13.76
N TYR A 215 7.46 -1.74 12.98
CA TYR A 215 8.65 -1.41 12.22
C TYR A 215 8.09 -0.77 10.95
N GLU A 216 7.72 0.50 11.05
CA GLU A 216 7.13 1.24 9.94
C GLU A 216 8.14 1.80 8.95
N VAL A 217 7.83 1.60 7.67
CA VAL A 217 8.68 2.07 6.58
C VAL A 217 7.81 2.85 5.60
N ILE A 218 8.45 3.46 4.60
CA ILE A 218 7.72 4.22 3.60
C ILE A 218 8.03 3.73 2.18
N ILE A 219 7.00 3.26 1.49
CA ILE A 219 7.12 2.79 0.11
C ILE A 219 6.87 4.03 -0.76
N VAL A 220 7.79 4.32 -1.67
CA VAL A 220 7.68 5.51 -2.51
C VAL A 220 7.33 5.27 -3.98
N ARG A 221 7.37 4.01 -4.41
CA ARG A 221 7.04 3.69 -5.80
C ARG A 221 6.78 2.20 -5.94
N VAL A 222 5.88 1.85 -6.85
CA VAL A 222 5.58 0.45 -7.10
C VAL A 222 5.51 0.17 -8.59
N GLU A 223 6.20 -0.88 -9.03
CA GLU A 223 6.19 -1.27 -10.44
C GLU A 223 5.92 -2.76 -10.55
N ILE A 224 5.25 -3.15 -11.62
CA ILE A 224 4.95 -4.55 -11.88
C ILE A 224 5.45 -4.77 -13.31
N ASN A 225 6.40 -5.71 -13.46
CA ASN A 225 7.01 -5.99 -14.75
C ASN A 225 7.54 -4.71 -15.40
N GLY A 226 8.12 -3.83 -14.57
CA GLY A 226 8.69 -2.60 -15.06
C GLY A 226 7.70 -1.48 -15.36
N GLN A 227 6.43 -1.71 -15.03
CA GLN A 227 5.38 -0.72 -15.28
C GLN A 227 4.96 -0.04 -13.97
N ASP A 228 5.08 1.27 -13.91
CA ASP A 228 4.71 2.01 -12.72
C ASP A 228 3.20 1.85 -12.50
N LEU A 229 2.79 1.67 -11.25
CA LEU A 229 1.36 1.53 -10.95
C LEU A 229 0.69 2.89 -11.13
N LYS A 230 1.52 3.93 -11.12
CA LYS A 230 1.05 5.29 -11.27
C LYS A 230 -0.06 5.67 -10.29
N MET A 231 0.22 5.50 -9.01
CA MET A 231 -0.72 5.86 -7.96
C MET A 231 -0.04 6.88 -7.06
N ASP A 232 -0.84 7.63 -6.31
CA ASP A 232 -0.27 8.59 -5.38
C ASP A 232 0.45 7.71 -4.38
N CYS A 233 1.76 7.89 -4.24
CA CYS A 233 2.54 7.05 -3.34
C CYS A 233 2.01 7.00 -1.91
N LYS A 234 1.12 7.92 -1.56
CA LYS A 234 0.54 7.92 -0.22
C LYS A 234 -0.39 6.71 -0.10
N GLU A 235 -0.94 6.26 -1.23
CA GLU A 235 -1.83 5.10 -1.22
C GLU A 235 -1.09 3.85 -0.77
N TYR A 236 0.20 3.78 -1.10
CA TYR A 236 1.04 2.62 -0.75
C TYR A 236 1.24 2.49 0.76
N ASN A 237 1.13 3.60 1.47
CA ASN A 237 1.34 3.60 2.92
C ASN A 237 0.10 4.03 3.71
N TYR A 238 -1.08 3.72 3.19
CA TYR A 238 -2.33 4.07 3.86
C TYR A 238 -2.88 2.85 4.61
N ASP A 239 -2.93 2.90 5.93
CA ASP A 239 -2.53 4.05 6.72
C ASP A 239 -1.09 3.98 7.25
N LYS A 240 -0.36 2.98 6.78
CA LYS A 240 1.03 2.79 7.17
C LYS A 240 1.56 1.56 6.47
N SER A 241 2.87 1.35 6.55
CA SER A 241 3.51 0.18 5.96
C SER A 241 4.45 -0.38 7.02
N ILE A 242 4.34 -1.68 7.27
CA ILE A 242 5.18 -2.31 8.28
C ILE A 242 5.82 -3.60 7.78
N VAL A 243 6.93 -3.99 8.41
CA VAL A 243 7.63 -5.22 8.08
C VAL A 243 7.22 -6.19 9.19
N ASP A 244 6.55 -7.28 8.82
CA ASP A 244 6.06 -8.23 9.82
C ASP A 244 6.35 -9.71 9.52
N SER A 245 7.30 -10.28 10.26
CA SER A 245 7.65 -11.69 10.10
C SER A 245 6.50 -12.59 10.54
N GLY A 246 5.56 -12.02 11.30
CA GLY A 246 4.42 -12.77 11.79
C GLY A 246 3.23 -12.79 10.86
N THR A 247 3.39 -12.21 9.68
CA THR A 247 2.33 -12.21 8.69
C THR A 247 2.85 -13.00 7.49
N THR A 248 2.00 -13.87 6.95
CA THR A 248 2.38 -14.71 5.84
C THR A 248 2.50 -13.95 4.52
N ASN A 249 1.41 -13.31 4.14
CA ASN A 249 1.33 -12.59 2.89
C ASN A 249 1.88 -11.18 2.82
N LEU A 250 1.81 -10.65 1.60
CA LEU A 250 2.17 -9.28 1.31
C LEU A 250 0.74 -8.73 1.29
N ARG A 251 0.38 -7.94 2.27
CA ARG A 251 -0.97 -7.40 2.33
C ARG A 251 -0.92 -5.94 1.92
N LEU A 252 -1.87 -5.53 1.08
CA LEU A 252 -1.92 -4.17 0.56
C LEU A 252 -3.24 -3.47 0.77
N PRO A 253 -3.21 -2.13 0.88
CA PRO A 253 -4.46 -1.37 1.08
C PRO A 253 -5.38 -1.68 -0.10
N LYS A 254 -6.68 -1.55 0.12
CA LYS A 254 -7.69 -1.83 -0.91
C LYS A 254 -7.31 -1.30 -2.29
N LYS A 255 -7.15 0.02 -2.40
CA LYS A 255 -6.79 0.66 -3.67
C LYS A 255 -5.61 -0.02 -4.36
N VAL A 256 -4.51 -0.15 -3.64
CA VAL A 256 -3.29 -0.75 -4.17
C VAL A 256 -3.50 -2.22 -4.53
N PHE A 257 -4.11 -2.98 -3.64
CA PHE A 257 -4.37 -4.39 -3.88
C PHE A 257 -5.10 -4.60 -5.20
N GLU A 258 -6.20 -3.87 -5.39
CA GLU A 258 -6.99 -4.00 -6.62
C GLU A 258 -6.18 -3.71 -7.87
N ALA A 259 -5.40 -2.64 -7.86
CA ALA A 259 -4.58 -2.30 -9.01
C ALA A 259 -3.55 -3.39 -9.28
N ALA A 260 -2.97 -3.94 -8.21
CA ALA A 260 -1.97 -4.99 -8.33
C ALA A 260 -2.57 -6.25 -8.93
N VAL A 261 -3.74 -6.65 -8.44
CA VAL A 261 -4.39 -7.85 -8.95
C VAL A 261 -4.77 -7.64 -10.42
N LYS A 262 -5.33 -6.48 -10.74
CA LYS A 262 -5.72 -6.18 -12.10
C LYS A 262 -4.51 -6.32 -13.03
N SER A 263 -3.35 -5.86 -12.56
CA SER A 263 -2.13 -5.94 -13.34
C SER A 263 -1.60 -7.36 -13.43
N ILE A 264 -1.64 -8.09 -12.33
CA ILE A 264 -1.16 -9.46 -12.32
C ILE A 264 -2.06 -10.35 -13.17
N LYS A 265 -3.37 -10.13 -13.08
CA LYS A 265 -4.34 -10.91 -13.86
C LYS A 265 -4.05 -10.71 -15.35
N ALA A 266 -3.92 -9.44 -15.74
CA ALA A 266 -3.65 -9.08 -17.12
C ALA A 266 -2.37 -9.74 -17.63
N ALA A 267 -1.38 -9.85 -16.76
CA ALA A 267 -0.11 -10.45 -17.15
C ALA A 267 -0.22 -11.96 -17.38
N SER A 268 -1.09 -12.62 -16.62
CA SER A 268 -1.28 -14.06 -16.75
C SER A 268 -2.65 -14.42 -17.33
N SER A 269 -3.23 -13.51 -18.10
CA SER A 269 -4.54 -13.71 -18.70
C SER A 269 -4.63 -14.93 -19.62
N THR A 270 -3.49 -15.46 -20.03
CA THR A 270 -3.48 -16.64 -20.91
C THR A 270 -3.61 -17.93 -20.11
N GLU A 271 -3.84 -17.79 -18.81
CA GLU A 271 -4.00 -18.94 -17.94
C GLU A 271 -5.38 -18.87 -17.26
N LYS A 272 -5.95 -20.02 -16.96
CA LYS A 272 -7.27 -20.08 -16.33
C LYS A 272 -7.13 -20.46 -14.86
N PHE A 273 -7.67 -19.63 -13.98
CA PHE A 273 -7.58 -19.89 -12.55
C PHE A 273 -8.94 -20.12 -11.89
N PRO A 274 -9.00 -21.04 -10.92
CA PRO A 274 -10.22 -21.38 -10.18
C PRO A 274 -10.87 -20.15 -9.54
N ASP A 275 -12.10 -20.32 -9.06
CA ASP A 275 -12.82 -19.23 -8.42
C ASP A 275 -12.34 -19.05 -6.98
N GLY A 276 -12.01 -17.82 -6.63
CA GLY A 276 -11.53 -17.56 -5.28
C GLY A 276 -10.02 -17.63 -5.16
N PHE A 277 -9.34 -17.87 -6.27
CA PHE A 277 -7.88 -17.95 -6.26
C PHE A 277 -7.27 -16.59 -5.93
N TRP A 278 -7.76 -15.55 -6.58
CA TRP A 278 -7.24 -14.20 -6.36
C TRP A 278 -7.62 -13.65 -4.98
N LEU A 279 -8.36 -14.43 -4.20
CA LEU A 279 -8.77 -14.01 -2.87
C LEU A 279 -7.93 -14.73 -1.82
N GLY A 280 -6.89 -15.42 -2.27
CA GLY A 280 -6.02 -16.14 -1.35
C GLY A 280 -6.76 -17.29 -0.70
N GLU A 281 -7.86 -17.69 -1.31
CA GLU A 281 -8.67 -18.79 -0.79
C GLU A 281 -8.44 -20.08 -1.57
N GLN A 282 -8.97 -20.13 -2.78
CA GLN A 282 -8.86 -21.30 -3.64
C GLN A 282 -7.41 -21.62 -4.01
N LEU A 283 -7.12 -22.92 -4.07
CA LEU A 283 -5.79 -23.40 -4.41
C LEU A 283 -5.70 -23.64 -5.92
N VAL A 284 -4.50 -23.52 -6.47
CA VAL A 284 -4.28 -23.75 -7.90
C VAL A 284 -3.10 -24.69 -8.07
N CYS A 285 -3.21 -25.62 -9.02
CA CYS A 285 -2.14 -26.58 -9.26
C CYS A 285 -1.75 -26.73 -10.73
N TRP A 286 -0.56 -27.26 -10.95
CA TRP A 286 -0.03 -27.50 -12.29
C TRP A 286 0.74 -28.81 -12.24
N GLN A 287 0.91 -29.45 -13.39
CA GLN A 287 1.65 -30.71 -13.44
C GLN A 287 3.02 -30.52 -12.80
N ALA A 288 3.46 -31.51 -12.05
CA ALA A 288 4.75 -31.47 -11.37
C ALA A 288 5.86 -30.88 -12.24
N GLY A 289 6.28 -29.65 -11.93
CA GLY A 289 7.36 -29.02 -12.66
C GLY A 289 6.95 -28.24 -13.91
N THR A 290 5.65 -28.00 -14.08
CA THR A 290 5.19 -27.26 -15.24
C THR A 290 4.61 -25.90 -14.88
N THR A 291 4.78 -25.48 -13.63
CA THR A 291 4.29 -24.19 -13.18
C THR A 291 4.82 -23.13 -14.14
N PRO A 292 3.92 -22.39 -14.80
CA PRO A 292 4.29 -21.34 -15.76
C PRO A 292 4.66 -20.03 -15.07
N TRP A 293 5.79 -20.03 -14.37
CA TRP A 293 6.23 -18.83 -13.65
C TRP A 293 6.33 -17.60 -14.55
N ASN A 294 6.77 -17.83 -15.79
CA ASN A 294 6.94 -16.77 -16.77
C ASN A 294 5.72 -15.90 -17.03
N ILE A 295 4.52 -16.44 -16.80
CA ILE A 295 3.30 -15.67 -17.03
C ILE A 295 3.00 -14.74 -15.86
N PHE A 296 3.70 -14.95 -14.75
CA PHE A 296 3.51 -14.14 -13.55
C PHE A 296 4.59 -13.07 -13.48
N PRO A 297 4.19 -11.80 -13.32
CA PRO A 297 5.08 -10.65 -13.25
C PRO A 297 5.90 -10.52 -11.97
N VAL A 298 6.99 -9.75 -12.04
CA VAL A 298 7.80 -9.50 -10.87
C VAL A 298 7.27 -8.19 -10.31
N ILE A 299 7.39 -7.99 -9.01
CA ILE A 299 6.89 -6.78 -8.37
C ILE A 299 8.03 -6.03 -7.71
N SER A 300 8.16 -4.75 -8.02
CA SER A 300 9.22 -3.94 -7.43
C SER A 300 8.68 -2.92 -6.46
N LEU A 301 9.14 -3.01 -5.21
CA LEU A 301 8.73 -2.06 -4.18
C LEU A 301 9.92 -1.14 -3.93
N TYR A 302 9.72 0.15 -4.14
CA TYR A 302 10.78 1.13 -3.92
C TYR A 302 10.60 1.70 -2.51
N LEU A 303 11.68 1.67 -1.73
CA LEU A 303 11.63 2.15 -0.35
C LEU A 303 12.45 3.41 -0.16
N MET A 304 11.99 4.29 0.73
CA MET A 304 12.70 5.52 1.03
C MET A 304 14.13 5.17 1.43
N GLY A 305 15.09 5.94 0.95
CA GLY A 305 16.48 5.66 1.27
C GLY A 305 17.05 6.43 2.44
N GLU A 306 18.36 6.38 2.58
CA GLU A 306 19.07 7.05 3.68
C GLU A 306 19.46 8.49 3.38
N VAL A 307 19.54 8.86 2.11
CA VAL A 307 19.90 10.22 1.76
C VAL A 307 18.78 10.93 1.02
N THR A 308 18.89 12.25 0.92
CA THR A 308 17.88 13.08 0.26
C THR A 308 17.59 12.65 -1.17
N ASN A 309 16.31 12.60 -1.50
CA ASN A 309 15.85 12.23 -2.83
C ASN A 309 16.36 10.88 -3.32
N GLN A 310 16.74 10.00 -2.40
CA GLN A 310 17.26 8.69 -2.81
C GLN A 310 16.45 7.53 -2.25
N SER A 311 16.19 6.56 -3.13
CA SER A 311 15.44 5.37 -2.77
C SER A 311 16.16 4.16 -3.36
N PHE A 312 15.63 2.97 -3.10
CA PHE A 312 16.19 1.75 -3.64
C PHE A 312 15.00 0.81 -3.81
N ARG A 313 15.16 -0.25 -4.59
CA ARG A 313 14.05 -1.15 -4.80
C ARG A 313 14.37 -2.60 -4.50
N ILE A 314 13.37 -3.33 -4.06
CA ILE A 314 13.51 -4.75 -3.80
C ILE A 314 12.55 -5.38 -4.80
N THR A 315 13.00 -6.39 -5.52
CA THR A 315 12.15 -7.02 -6.51
C THR A 315 11.70 -8.40 -6.07
N ILE A 316 10.39 -8.64 -6.15
CA ILE A 316 9.78 -9.88 -5.74
C ILE A 316 9.43 -10.76 -6.95
N LEU A 317 9.80 -12.02 -6.90
CA LEU A 317 9.51 -12.97 -7.98
C LEU A 317 8.21 -13.70 -7.64
N PRO A 318 7.53 -14.23 -8.66
CA PRO A 318 6.27 -14.95 -8.42
C PRO A 318 6.45 -16.12 -7.45
N GLN A 319 7.66 -16.68 -7.42
CA GLN A 319 7.97 -17.79 -6.53
C GLN A 319 7.75 -17.37 -5.08
N GLN A 320 7.68 -16.07 -4.86
CA GLN A 320 7.48 -15.52 -3.53
C GLN A 320 6.02 -15.25 -3.18
N TYR A 321 5.24 -14.78 -4.15
CA TYR A 321 3.85 -14.49 -3.85
C TYR A 321 2.86 -15.60 -4.24
N LEU A 322 3.41 -16.76 -4.58
CA LEU A 322 2.61 -17.94 -4.90
C LEU A 322 3.12 -18.96 -3.88
N ARG A 323 2.49 -18.98 -2.71
CA ARG A 323 2.87 -19.87 -1.62
C ARG A 323 2.50 -21.31 -1.88
N PRO A 324 3.51 -22.20 -1.93
CA PRO A 324 3.30 -23.63 -2.19
C PRO A 324 2.49 -24.31 -1.08
N VAL A 325 1.43 -25.01 -1.48
CA VAL A 325 0.57 -25.72 -0.53
C VAL A 325 0.33 -27.15 -1.01
N GLU A 326 0.21 -28.07 -0.05
CA GLU A 326 -0.03 -29.48 -0.37
C GLU A 326 -1.38 -29.69 -1.07
N ASP A 327 -1.40 -30.61 -2.02
CA ASP A 327 -2.62 -30.91 -2.76
C ASP A 327 -3.61 -31.64 -1.83
N VAL A 328 -4.81 -31.08 -1.70
CA VAL A 328 -5.84 -31.64 -0.84
C VAL A 328 -6.09 -33.14 -1.08
N ALA A 329 -5.98 -33.56 -2.33
CA ALA A 329 -6.22 -34.97 -2.68
C ALA A 329 -4.93 -35.71 -3.06
N THR A 330 -4.84 -36.09 -4.32
CA THR A 330 -3.67 -36.82 -4.82
C THR A 330 -2.45 -35.92 -4.90
N SER A 331 -1.70 -35.85 -3.81
CA SER A 331 -0.50 -35.03 -3.75
C SER A 331 0.50 -35.49 -4.81
N GLN A 332 0.46 -34.86 -5.97
CA GLN A 332 1.36 -35.20 -7.08
C GLN A 332 1.82 -33.95 -7.82
N ASP A 333 0.87 -33.06 -8.07
CA ASP A 333 1.16 -31.82 -8.78
C ASP A 333 1.61 -30.71 -7.84
N ASP A 334 2.08 -29.61 -8.42
CA ASP A 334 2.53 -28.47 -7.63
C ASP A 334 1.37 -27.51 -7.47
N CYS A 335 0.96 -27.28 -6.22
CA CYS A 335 -0.14 -26.38 -5.92
C CYS A 335 0.34 -25.17 -5.13
N TYR A 336 -0.31 -24.04 -5.32
CA TYR A 336 0.07 -22.82 -4.62
C TYR A 336 -1.14 -21.97 -4.30
N LYS A 337 -0.97 -21.04 -3.37
CA LYS A 337 -2.02 -20.12 -2.98
C LYS A 337 -1.51 -18.70 -3.21
N PHE A 338 -2.38 -17.83 -3.71
CA PHE A 338 -2.01 -16.44 -3.95
C PHE A 338 -1.64 -15.83 -2.60
N ALA A 339 -0.39 -15.43 -2.45
CA ALA A 339 0.10 -14.86 -1.19
C ALA A 339 0.07 -13.34 -1.11
N ILE A 340 -0.81 -12.73 -1.88
CA ILE A 340 -0.98 -11.28 -1.86
C ILE A 340 -2.44 -11.06 -1.52
N SER A 341 -2.71 -10.35 -0.44
CA SER A 341 -4.09 -10.13 -0.03
C SER A 341 -4.38 -8.69 0.39
N GLN A 342 -5.66 -8.38 0.55
CA GLN A 342 -6.09 -7.03 0.91
C GLN A 342 -6.06 -6.74 2.41
N SER A 343 -5.68 -5.52 2.74
CA SER A 343 -5.60 -5.07 4.12
C SER A 343 -6.35 -3.76 4.32
N SER A 344 -6.81 -3.53 5.54
CA SER A 344 -7.50 -2.29 5.87
C SER A 344 -6.72 -1.53 6.93
N THR A 345 -5.54 -2.03 7.28
CA THR A 345 -4.69 -1.39 8.27
C THR A 345 -3.29 -1.08 7.71
N GLY A 346 -3.24 -0.80 6.40
CA GLY A 346 -1.97 -0.47 5.78
C GLY A 346 -1.21 -1.64 5.17
N THR A 347 -0.13 -1.33 4.47
CA THR A 347 0.67 -2.35 3.83
C THR A 347 1.42 -3.20 4.86
N VAL A 348 1.47 -4.49 4.62
CA VAL A 348 2.20 -5.39 5.50
C VAL A 348 3.16 -6.22 4.67
N MET A 349 4.46 -6.01 4.88
CA MET A 349 5.49 -6.77 4.17
C MET A 349 5.72 -8.03 5.01
N GLY A 350 5.01 -9.09 4.66
CA GLY A 350 5.10 -10.33 5.40
C GLY A 350 6.23 -11.26 5.00
N ALA A 351 6.17 -12.48 5.53
CA ALA A 351 7.18 -13.50 5.28
C ALA A 351 7.46 -13.80 3.82
N VAL A 352 6.42 -13.90 3.00
CA VAL A 352 6.64 -14.19 1.59
C VAL A 352 7.57 -13.16 0.95
N ILE A 353 7.53 -11.93 1.45
CA ILE A 353 8.40 -10.88 0.94
C ILE A 353 9.78 -10.96 1.60
N MET A 354 9.80 -11.24 2.90
CA MET A 354 11.05 -11.35 3.65
C MET A 354 11.90 -12.56 3.24
N GLU A 355 11.24 -13.63 2.82
CA GLU A 355 11.93 -14.85 2.42
C GLU A 355 13.00 -14.65 1.34
N GLY A 356 12.75 -13.73 0.42
CA GLY A 356 13.74 -13.51 -0.61
C GLY A 356 14.95 -12.71 -0.18
N PHE A 357 14.95 -12.20 1.06
CA PHE A 357 16.06 -11.37 1.51
C PHE A 357 16.54 -11.52 2.94
N TYR A 358 17.66 -10.88 3.22
CA TYR A 358 18.24 -10.84 4.55
C TYR A 358 17.82 -9.47 5.06
N VAL A 359 17.02 -9.44 6.12
CA VAL A 359 16.52 -8.17 6.65
C VAL A 359 17.13 -7.80 8.00
N VAL A 360 17.77 -6.64 8.03
CA VAL A 360 18.41 -6.16 9.25
C VAL A 360 17.58 -5.11 9.99
N PHE A 361 17.16 -5.44 11.20
CA PHE A 361 16.39 -4.54 12.03
C PHE A 361 17.40 -3.80 12.90
N ASP A 362 17.95 -2.72 12.34
CA ASP A 362 18.96 -1.90 13.00
C ASP A 362 18.33 -0.86 13.90
N ARG A 363 17.85 -1.31 15.06
CA ARG A 363 17.20 -0.42 16.03
C ARG A 363 18.10 0.73 16.48
N ALA A 364 19.38 0.43 16.68
CA ALA A 364 20.34 1.44 17.12
C ALA A 364 20.42 2.62 16.17
N ARG A 365 20.29 2.37 14.87
CA ARG A 365 20.38 3.46 13.91
C ARG A 365 19.05 3.74 13.21
N LYS A 366 17.97 3.26 13.81
CA LYS A 366 16.62 3.48 13.30
C LYS A 366 16.50 3.24 11.82
N ARG A 367 16.85 2.03 11.38
CA ARG A 367 16.77 1.70 9.96
C ARG A 367 16.62 0.20 9.76
N ILE A 368 16.09 -0.17 8.60
CA ILE A 368 15.91 -1.56 8.24
C ILE A 368 16.67 -1.79 6.94
N GLY A 369 17.56 -2.79 6.94
CA GLY A 369 18.33 -3.08 5.74
C GLY A 369 17.86 -4.31 4.99
N PHE A 370 18.00 -4.26 3.67
CA PHE A 370 17.61 -5.38 2.81
C PHE A 370 18.77 -5.79 1.90
N ALA A 371 18.97 -7.10 1.76
CA ALA A 371 20.01 -7.64 0.88
C ALA A 371 19.50 -8.98 0.37
N VAL A 372 19.94 -9.36 -0.83
CA VAL A 372 19.53 -10.64 -1.40
C VAL A 372 20.00 -11.74 -0.43
N SER A 373 19.08 -12.63 -0.09
CA SER A 373 19.39 -13.72 0.83
C SER A 373 20.17 -14.84 0.17
N ALA A 374 21.03 -15.49 0.96
CA ALA A 374 21.83 -16.59 0.46
C ALA A 374 20.90 -17.76 0.12
N CYS A 375 19.72 -17.78 0.74
CA CYS A 375 18.75 -18.86 0.51
C CYS A 375 17.58 -18.42 -0.36
N HIS A 376 17.83 -17.52 -1.29
CA HIS A 376 16.77 -17.04 -2.17
C HIS A 376 16.30 -18.13 -3.12
N VAL A 377 15.00 -18.11 -3.45
CA VAL A 377 14.45 -19.10 -4.36
C VAL A 377 14.96 -18.74 -5.75
N HIS A 378 15.23 -19.75 -6.57
CA HIS A 378 15.75 -19.51 -7.91
C HIS A 378 14.71 -19.50 -9.02
N ASP A 379 15.06 -18.81 -10.11
CA ASP A 379 14.22 -18.71 -11.30
C ASP A 379 15.20 -18.79 -12.47
N GLU A 380 14.73 -19.26 -13.61
CA GLU A 380 15.60 -19.40 -14.77
C GLU A 380 16.01 -18.08 -15.41
N PHE A 381 15.04 -17.32 -15.90
CA PHE A 381 15.33 -16.06 -16.57
C PHE A 381 15.20 -14.80 -15.71
N ARG A 382 14.95 -14.96 -14.41
CA ARG A 382 14.81 -13.81 -13.53
C ARG A 382 15.39 -14.08 -12.14
N THR A 383 15.61 -13.01 -11.38
CA THR A 383 16.17 -13.14 -10.03
C THR A 383 15.78 -11.99 -9.11
N ALA A 384 15.44 -12.33 -7.86
CA ALA A 384 15.07 -11.33 -6.88
C ALA A 384 16.28 -10.42 -6.69
N ALA A 385 16.06 -9.18 -6.31
CA ALA A 385 17.16 -8.27 -6.13
C ALA A 385 16.85 -7.05 -5.29
N VAL A 386 17.91 -6.40 -4.82
CA VAL A 386 17.83 -5.19 -4.04
C VAL A 386 18.78 -4.29 -4.83
N GLU A 387 18.22 -3.23 -5.41
CA GLU A 387 19.00 -2.34 -6.26
C GLU A 387 18.86 -0.86 -5.97
N GLY A 388 19.97 -0.15 -6.16
CA GLY A 388 19.99 1.28 -5.94
C GLY A 388 21.29 1.87 -6.46
N PRO A 389 21.42 3.20 -6.43
CA PRO A 389 20.37 4.09 -5.93
C PRO A 389 19.45 4.60 -7.04
N PHE A 390 18.27 5.05 -6.63
CA PHE A 390 17.31 5.63 -7.57
C PHE A 390 17.01 7.02 -7.04
N VAL A 391 16.65 7.92 -7.93
CA VAL A 391 16.29 9.27 -7.50
C VAL A 391 14.78 9.27 -7.42
N THR A 392 14.24 9.82 -6.33
CA THR A 392 12.81 9.91 -6.14
C THR A 392 12.56 11.19 -5.37
N LEU A 393 11.82 12.11 -5.99
CA LEU A 393 11.54 13.40 -5.36
C LEU A 393 10.29 13.36 -4.48
N ASP A 394 10.26 14.27 -3.50
CA ASP A 394 9.12 14.40 -2.59
C ASP A 394 8.69 13.13 -1.87
N MET A 395 9.65 12.30 -1.48
CA MET A 395 9.32 11.05 -0.80
C MET A 395 8.56 11.25 0.51
N GLU A 396 8.84 12.35 1.19
CA GLU A 396 8.18 12.66 2.45
C GLU A 396 6.65 12.72 2.31
N ASP A 397 6.17 13.12 1.13
CA ASP A 397 4.73 13.19 0.91
C ASP A 397 4.09 11.82 0.76
N CYS A 398 4.90 10.77 0.74
CA CYS A 398 4.35 9.42 0.62
C CYS A 398 3.87 8.90 1.96
N GLY A 399 4.31 9.56 3.04
CA GLY A 399 3.91 9.14 4.37
C GLY A 399 2.51 9.63 4.72
N TYR A 400 1.75 8.79 5.42
CA TYR A 400 0.39 9.14 5.81
C TYR A 400 0.31 9.75 7.20
N ASN A 401 -0.55 10.75 7.36
CA ASN A 401 -0.74 11.42 8.64
C ASN A 401 -2.22 11.54 8.97
N SER B 14 -14.31 -18.84 28.50
CA SER B 14 -14.29 -18.42 27.07
C SER B 14 -14.58 -16.93 26.90
N PHE B 15 -14.36 -16.14 27.94
CA PHE B 15 -14.61 -14.70 27.84
C PHE B 15 -13.65 -14.02 26.89
N VAL B 16 -12.52 -14.65 26.61
CA VAL B 16 -11.53 -14.06 25.72
C VAL B 16 -12.14 -13.82 24.33
N GLU B 17 -13.14 -14.62 23.97
CA GLU B 17 -13.81 -14.47 22.69
C GLU B 17 -14.53 -13.13 22.56
N MET B 18 -14.81 -12.49 23.70
CA MET B 18 -15.51 -11.22 23.70
C MET B 18 -14.61 -10.03 23.95
N VAL B 19 -13.37 -10.29 24.31
CA VAL B 19 -12.45 -9.20 24.57
C VAL B 19 -12.19 -8.49 23.25
N ASP B 20 -12.12 -7.16 23.32
CA ASP B 20 -11.87 -6.34 22.13
C ASP B 20 -13.04 -6.35 21.15
N ASN B 21 -14.25 -6.65 21.63
CA ASN B 21 -15.41 -6.67 20.72
C ASN B 21 -16.11 -5.33 20.57
N LEU B 22 -15.52 -4.27 21.11
CA LEU B 22 -16.11 -2.94 21.00
C LEU B 22 -15.21 -2.00 20.22
N ARG B 23 -15.82 -1.13 19.43
CA ARG B 23 -15.11 -0.13 18.65
C ARG B 23 -15.95 1.13 18.67
N GLY B 24 -15.37 2.25 18.27
CA GLY B 24 -16.12 3.50 18.26
C GLY B 24 -15.26 4.69 17.90
N LYS B 25 -15.88 5.87 17.88
CA LYS B 25 -15.20 7.11 17.57
C LYS B 25 -15.44 8.08 18.73
N SER B 26 -14.35 8.63 19.26
CA SER B 26 -14.41 9.56 20.37
C SER B 26 -15.62 10.49 20.33
N GLY B 27 -16.44 10.45 21.38
CA GLY B 27 -17.61 11.30 21.45
C GLY B 27 -18.77 10.80 20.63
N GLN B 28 -18.64 9.60 20.06
CA GLN B 28 -19.71 9.04 19.25
C GLN B 28 -20.17 7.66 19.72
N GLY B 29 -19.85 7.33 20.96
CA GLY B 29 -20.27 6.04 21.52
C GLY B 29 -19.46 4.83 21.13
N TYR B 30 -19.80 3.71 21.75
CA TYR B 30 -19.14 2.44 21.49
C TYR B 30 -20.17 1.46 20.94
N TYR B 31 -19.75 0.66 19.97
CA TYR B 31 -20.68 -0.29 19.37
C TYR B 31 -20.12 -1.71 19.25
N VAL B 32 -21.02 -2.67 19.24
CA VAL B 32 -20.67 -4.07 19.12
C VAL B 32 -21.35 -4.60 17.87
N GLU B 33 -20.75 -5.60 17.24
CA GLU B 33 -21.33 -6.18 16.03
C GLU B 33 -22.41 -7.19 16.40
N MET B 34 -23.52 -7.15 15.68
CA MET B 34 -24.63 -8.06 15.93
C MET B 34 -25.23 -8.46 14.58
N THR B 35 -26.04 -9.51 14.58
CA THR B 35 -26.70 -9.96 13.37
C THR B 35 -28.18 -10.12 13.67
N VAL B 36 -29.03 -9.83 12.69
CA VAL B 36 -30.47 -9.95 12.87
C VAL B 36 -31.09 -10.59 11.63
N GLY B 37 -32.08 -11.46 11.85
CA GLY B 37 -32.75 -12.10 10.74
C GLY B 37 -32.06 -13.30 10.14
N SER B 38 -32.73 -13.93 9.17
CA SER B 38 -32.22 -15.11 8.48
C SER B 38 -32.44 -14.95 6.98
N PRO B 39 -31.35 -14.93 6.18
CA PRO B 39 -29.96 -15.05 6.64
C PRO B 39 -29.52 -13.87 7.50
N PRO B 40 -28.47 -14.05 8.30
CA PRO B 40 -27.92 -13.02 9.19
C PRO B 40 -27.57 -11.71 8.49
N GLN B 41 -28.03 -10.60 9.07
CA GLN B 41 -27.74 -9.27 8.55
C GLN B 41 -26.83 -8.59 9.57
N THR B 42 -25.59 -8.32 9.16
CA THR B 42 -24.61 -7.70 10.06
C THR B 42 -24.77 -6.20 10.21
N LEU B 43 -24.72 -5.74 11.46
CA LEU B 43 -24.84 -4.31 11.76
C LEU B 43 -24.08 -3.99 13.05
N ASN B 44 -23.63 -2.74 13.16
CA ASN B 44 -22.93 -2.30 14.35
C ASN B 44 -23.95 -1.60 15.23
N ILE B 45 -24.06 -2.07 16.48
CA ILE B 45 -25.04 -1.54 17.42
C ILE B 45 -24.39 -0.81 18.59
N LEU B 46 -24.81 0.43 18.82
CA LEU B 46 -24.28 1.22 19.93
C LEU B 46 -24.74 0.64 21.26
N VAL B 47 -23.81 0.52 22.20
CA VAL B 47 -24.13 -0.02 23.54
C VAL B 47 -24.59 1.13 24.41
N ASP B 48 -25.85 1.07 24.84
CA ASP B 48 -26.43 2.13 25.65
C ASP B 48 -27.08 1.65 26.95
N THR B 49 -26.36 1.77 28.06
CA THR B 49 -26.92 1.34 29.34
C THR B 49 -27.94 2.37 29.86
N GLY B 50 -28.15 3.44 29.09
CA GLY B 50 -29.10 4.47 29.48
C GLY B 50 -30.51 4.34 28.92
N SER B 51 -30.78 3.28 28.18
CA SER B 51 -32.12 3.05 27.61
C SER B 51 -32.38 1.55 27.59
N SER B 52 -33.58 1.15 27.20
CA SER B 52 -33.92 -0.27 27.21
C SER B 52 -34.55 -0.82 25.94
N ASN B 53 -34.45 -0.09 24.83
CA ASN B 53 -35.00 -0.58 23.57
C ASN B 53 -33.89 -1.00 22.61
N PHE B 54 -34.14 -2.08 21.88
CA PHE B 54 -33.19 -2.57 20.88
C PHE B 54 -33.81 -2.09 19.58
N ALA B 55 -33.10 -1.24 18.86
CA ALA B 55 -33.60 -0.70 17.61
C ALA B 55 -32.50 -0.55 16.58
N VAL B 56 -32.88 -0.58 15.31
CA VAL B 56 -31.92 -0.47 14.22
C VAL B 56 -32.53 0.28 13.04
N GLY B 57 -31.70 0.99 12.29
CA GLY B 57 -32.21 1.70 11.13
C GLY B 57 -32.77 0.66 10.18
N ALA B 58 -34.01 0.86 9.74
CA ALA B 58 -34.65 -0.09 8.83
C ALA B 58 -35.00 0.55 7.49
N ALA B 59 -34.49 1.74 7.26
CA ALA B 59 -34.74 2.46 6.01
C ALA B 59 -33.54 3.34 5.68
N PRO B 60 -33.39 3.70 4.40
CA PRO B 60 -32.27 4.55 3.95
C PRO B 60 -32.14 5.84 4.76
N HIS B 61 -30.90 6.27 4.97
CA HIS B 61 -30.63 7.50 5.72
C HIS B 61 -29.22 7.98 5.36
N PRO B 62 -29.08 9.29 5.12
CA PRO B 62 -27.82 9.95 4.75
C PRO B 62 -26.61 9.52 5.59
N PHE B 63 -26.85 9.28 6.88
CA PHE B 63 -25.78 8.89 7.78
C PHE B 63 -25.60 7.38 7.91
N LEU B 64 -26.51 6.61 7.31
CA LEU B 64 -26.43 5.16 7.36
C LEU B 64 -25.79 4.58 6.10
N HIS B 65 -24.88 3.63 6.30
CA HIS B 65 -24.20 2.97 5.19
C HIS B 65 -24.99 1.72 4.84
N ARG B 66 -25.65 1.16 5.84
CA ARG B 66 -26.47 -0.04 5.67
C ARG B 66 -27.59 -0.04 6.70
N TYR B 67 -28.63 -0.81 6.45
CA TYR B 67 -29.76 -0.88 7.37
C TYR B 67 -30.44 -2.23 7.36
N TYR B 68 -31.33 -2.42 8.33
CA TYR B 68 -32.07 -3.67 8.49
C TYR B 68 -33.20 -3.80 7.46
N GLN B 69 -33.16 -4.89 6.69
CA GLN B 69 -34.17 -5.14 5.67
C GLN B 69 -35.04 -6.34 6.05
N ARG B 70 -36.18 -6.04 6.67
CA ARG B 70 -37.11 -7.07 7.10
C ARG B 70 -37.57 -7.95 5.94
N GLN B 71 -37.60 -7.36 4.75
CA GLN B 71 -38.02 -8.09 3.55
C GLN B 71 -37.09 -9.23 3.17
N LEU B 72 -35.85 -9.19 3.67
CA LEU B 72 -34.88 -10.24 3.36
C LEU B 72 -34.75 -11.28 4.46
N SER B 73 -35.50 -11.11 5.54
CA SER B 73 -35.45 -12.05 6.65
C SER B 73 -36.70 -12.93 6.71
N SER B 74 -36.49 -14.23 6.65
CA SER B 74 -37.60 -15.19 6.69
C SER B 74 -38.10 -15.43 8.10
N THR B 75 -37.31 -15.03 9.09
CA THR B 75 -37.68 -15.22 10.49
C THR B 75 -38.28 -13.96 11.11
N TYR B 76 -38.37 -12.90 10.31
CA TYR B 76 -38.94 -11.64 10.79
C TYR B 76 -40.43 -11.76 11.06
N ARG B 77 -40.87 -11.19 12.19
CA ARG B 77 -42.28 -11.20 12.57
C ARG B 77 -42.72 -9.79 12.91
N ASP B 78 -43.74 -9.31 12.22
CA ASP B 78 -44.28 -7.97 12.45
C ASP B 78 -45.19 -8.01 13.67
N LEU B 79 -45.04 -7.04 14.57
CA LEU B 79 -45.87 -6.97 15.76
C LEU B 79 -47.06 -6.05 15.51
N ARG B 80 -47.06 -5.41 14.34
CA ARG B 80 -48.12 -4.51 13.94
C ARG B 80 -48.39 -3.35 14.89
N LYS B 81 -47.36 -2.93 15.60
CA LYS B 81 -47.48 -1.80 16.53
C LYS B 81 -46.32 -0.84 16.32
N GLY B 82 -46.61 0.45 16.41
CA GLY B 82 -45.57 1.44 16.23
C GLY B 82 -44.86 1.69 17.54
N VAL B 83 -43.77 2.46 17.49
CA VAL B 83 -43.00 2.77 18.68
C VAL B 83 -42.25 4.10 18.52
N TYR B 84 -42.12 4.82 19.62
CA TYR B 84 -41.44 6.11 19.63
C TYR B 84 -40.50 6.18 20.82
N VAL B 85 -39.25 6.57 20.59
CA VAL B 85 -38.30 6.67 21.69
C VAL B 85 -37.49 7.96 21.63
N PRO B 86 -37.68 8.83 22.62
CA PRO B 86 -36.98 10.10 22.69
C PRO B 86 -35.80 9.93 23.66
N TYR B 87 -34.68 10.58 23.36
CA TYR B 87 -33.49 10.52 24.21
C TYR B 87 -33.10 11.94 24.61
N THR B 88 -32.24 12.07 25.61
CA THR B 88 -31.78 13.38 26.06
C THR B 88 -31.47 14.23 24.83
N GLN B 89 -30.88 13.60 23.83
CA GLN B 89 -30.54 14.25 22.58
C GLN B 89 -30.77 13.22 21.47
N GLY B 90 -31.77 13.48 20.63
CA GLY B 90 -32.06 12.56 19.55
C GLY B 90 -33.33 11.76 19.80
N LYS B 91 -33.99 11.33 18.72
CA LYS B 91 -35.22 10.57 18.84
C LYS B 91 -35.56 9.87 17.52
N TRP B 92 -36.38 8.83 17.62
CA TRP B 92 -36.79 8.08 16.44
C TRP B 92 -38.12 7.39 16.67
N GLU B 93 -38.72 6.92 15.58
CA GLU B 93 -39.99 6.21 15.65
C GLU B 93 -39.89 5.06 14.65
N GLY B 94 -40.67 4.01 14.87
CA GLY B 94 -40.62 2.89 13.94
C GLY B 94 -41.64 1.80 14.21
N GLU B 95 -41.47 0.68 13.53
CA GLU B 95 -42.36 -0.46 13.67
C GLU B 95 -41.76 -1.54 14.55
N LEU B 96 -42.58 -2.07 15.46
CA LEU B 96 -42.14 -3.13 16.34
C LEU B 96 -42.26 -4.47 15.64
N GLY B 97 -41.40 -5.40 16.05
CA GLY B 97 -41.39 -6.73 15.48
C GLY B 97 -40.37 -7.57 16.22
N THR B 98 -40.17 -8.81 15.78
CA THR B 98 -39.21 -9.69 16.41
C THR B 98 -38.41 -10.42 15.34
N ASP B 99 -37.26 -10.94 15.72
CA ASP B 99 -36.41 -11.68 14.79
C ASP B 99 -35.28 -12.31 15.58
N LEU B 100 -34.55 -13.22 14.95
CA LEU B 100 -33.44 -13.88 15.60
C LEU B 100 -32.24 -12.94 15.66
N VAL B 101 -31.68 -12.78 16.85
CA VAL B 101 -30.53 -11.90 17.05
C VAL B 101 -29.36 -12.67 17.63
N SER B 102 -28.16 -12.34 17.16
CA SER B 102 -26.95 -13.00 17.64
C SER B 102 -25.84 -11.97 17.83
N ILE B 103 -24.80 -12.36 18.54
CA ILE B 103 -23.65 -11.50 18.78
C ILE B 103 -22.40 -12.32 18.45
N PRO B 104 -21.88 -12.17 17.22
CA PRO B 104 -20.70 -12.89 16.73
C PRO B 104 -19.56 -12.98 17.74
N HIS B 105 -19.09 -11.83 18.21
CA HIS B 105 -18.01 -11.79 19.19
C HIS B 105 -18.60 -11.71 20.59
N GLY B 106 -19.45 -12.68 20.91
CA GLY B 106 -20.09 -12.73 22.20
C GLY B 106 -20.48 -14.17 22.50
N PRO B 107 -21.47 -14.41 23.35
CA PRO B 107 -21.87 -15.79 23.65
C PRO B 107 -22.40 -16.46 22.39
N ASN B 108 -21.92 -17.67 22.12
CA ASN B 108 -22.35 -18.40 20.94
C ASN B 108 -23.79 -18.88 21.09
N VAL B 109 -24.74 -17.98 20.89
CA VAL B 109 -26.14 -18.33 21.01
C VAL B 109 -27.01 -17.34 20.25
N THR B 110 -28.20 -17.79 19.85
CA THR B 110 -29.12 -16.95 19.11
C THR B 110 -30.45 -16.89 19.85
N VAL B 111 -31.05 -15.69 19.89
CA VAL B 111 -32.32 -15.54 20.59
C VAL B 111 -33.32 -14.69 19.81
N ARG B 112 -34.60 -14.91 20.07
CA ARG B 112 -35.63 -14.14 19.42
C ARG B 112 -35.90 -12.96 20.34
N ALA B 113 -35.61 -11.76 19.86
CA ALA B 113 -35.80 -10.56 20.66
C ALA B 113 -36.62 -9.54 19.92
N ASN B 114 -37.18 -8.59 20.67
CA ASN B 114 -37.96 -7.53 20.09
C ASN B 114 -37.02 -6.59 19.37
N ILE B 115 -37.46 -6.04 18.25
CA ILE B 115 -36.64 -5.12 17.49
C ILE B 115 -37.49 -3.99 16.94
N ALA B 116 -37.05 -2.76 17.14
CA ALA B 116 -37.77 -1.62 16.63
C ALA B 116 -37.11 -1.21 15.33
N ALA B 117 -37.86 -1.28 14.23
CA ALA B 117 -37.34 -0.91 12.92
C ALA B 117 -37.50 0.60 12.73
N ILE B 118 -36.40 1.32 12.91
CA ILE B 118 -36.43 2.78 12.79
C ILE B 118 -36.72 3.25 11.37
N THR B 119 -37.89 3.86 11.19
CA THR B 119 -38.30 4.37 9.90
C THR B 119 -38.15 5.88 9.80
N GLU B 120 -38.17 6.56 10.94
CA GLU B 120 -38.03 8.01 10.97
C GLU B 120 -37.22 8.38 12.20
N SER B 121 -36.32 9.36 12.06
CA SER B 121 -35.49 9.76 13.20
C SER B 121 -35.00 11.21 13.07
N ASP B 122 -34.62 11.79 14.21
CA ASP B 122 -34.11 13.16 14.25
C ASP B 122 -32.98 13.30 15.26
N LYS B 123 -31.82 13.77 14.78
CA LYS B 123 -30.64 13.97 15.61
C LYS B 123 -30.22 12.72 16.38
N PHE B 124 -30.53 11.56 15.82
CA PHE B 124 -30.19 10.29 16.45
C PHE B 124 -28.91 9.72 15.83
N PHE B 125 -28.97 9.39 14.54
CA PHE B 125 -27.80 8.85 13.86
C PHE B 125 -26.75 9.93 13.68
N ILE B 126 -25.49 9.52 13.67
CA ILE B 126 -24.38 10.46 13.50
C ILE B 126 -23.62 10.10 12.24
N ASN B 127 -23.26 11.12 11.46
CA ASN B 127 -22.53 10.88 10.22
C ASN B 127 -21.15 10.31 10.51
N GLY B 128 -20.88 9.13 9.96
CA GLY B 128 -19.59 8.49 10.14
C GLY B 128 -19.35 7.92 11.53
N SER B 129 -20.41 7.47 12.19
CA SER B 129 -20.28 6.89 13.53
C SER B 129 -19.88 5.44 13.41
N ASN B 130 -20.33 4.82 12.32
CA ASN B 130 -20.07 3.42 12.02
C ASN B 130 -21.09 2.47 12.64
N TRP B 131 -22.09 3.03 13.33
CA TRP B 131 -23.15 2.18 13.91
C TRP B 131 -24.50 2.55 13.30
N GLU B 132 -25.36 1.55 13.15
CA GLU B 132 -26.68 1.76 12.56
C GLU B 132 -27.84 1.34 13.47
N GLY B 133 -27.53 1.11 14.74
CA GLY B 133 -28.58 0.71 15.67
C GLY B 133 -28.18 0.98 17.11
N ILE B 134 -29.07 0.66 18.04
CA ILE B 134 -28.80 0.89 19.45
C ILE B 134 -29.25 -0.30 20.30
N LEU B 135 -28.45 -0.63 21.31
CA LEU B 135 -28.76 -1.72 22.21
C LEU B 135 -29.00 -1.17 23.60
N GLY B 136 -30.26 -0.98 23.95
CA GLY B 136 -30.62 -0.47 25.27
C GLY B 136 -30.50 -1.62 26.26
N LEU B 137 -29.58 -1.49 27.21
CA LEU B 137 -29.34 -2.54 28.20
C LEU B 137 -30.00 -2.32 29.56
N ALA B 138 -30.69 -1.20 29.73
CA ALA B 138 -31.37 -0.91 30.99
C ALA B 138 -32.59 -1.79 31.19
N TYR B 139 -33.34 -1.58 32.27
CA TYR B 139 -34.49 -2.43 32.54
C TYR B 139 -35.79 -2.09 31.81
N ALA B 140 -36.68 -3.08 31.75
CA ALA B 140 -37.96 -2.95 31.06
C ALA B 140 -38.79 -1.76 31.55
N GLU B 141 -38.64 -1.41 32.81
CA GLU B 141 -39.39 -0.30 33.37
C GLU B 141 -39.34 0.97 32.51
N ILE B 142 -38.23 1.21 31.84
CA ILE B 142 -38.15 2.40 31.00
C ILE B 142 -38.14 2.11 29.51
N ALA B 143 -38.61 0.93 29.15
CA ALA B 143 -38.69 0.56 27.75
C ALA B 143 -39.95 1.23 27.18
N ARG B 144 -39.92 1.52 25.88
CA ARG B 144 -41.07 2.11 25.21
C ARG B 144 -41.60 1.02 24.27
N PRO B 145 -42.92 0.99 24.02
CA PRO B 145 -43.92 1.90 24.58
C PRO B 145 -44.18 1.71 26.07
N ASP B 146 -43.86 0.53 26.59
CA ASP B 146 -44.07 0.28 28.01
C ASP B 146 -43.25 -0.93 28.46
N ASP B 147 -43.28 -1.19 29.77
CA ASP B 147 -42.51 -2.30 30.33
C ASP B 147 -42.93 -3.69 29.86
N SER B 148 -43.88 -3.75 28.93
CA SER B 148 -44.34 -5.04 28.42
C SER B 148 -43.41 -5.49 27.28
N LEU B 149 -42.67 -4.54 26.72
CA LEU B 149 -41.74 -4.86 25.64
C LEU B 149 -40.43 -5.30 26.29
N GLU B 150 -40.24 -6.61 26.36
CA GLU B 150 -39.05 -7.19 26.96
C GLU B 150 -37.76 -6.75 26.28
N PRO B 151 -36.81 -6.20 27.06
CA PRO B 151 -35.54 -5.73 26.53
C PRO B 151 -34.69 -6.91 26.04
N PHE B 152 -33.69 -6.62 25.24
CA PHE B 152 -32.81 -7.67 24.70
C PHE B 152 -32.15 -8.55 25.74
N PHE B 153 -31.46 -7.94 26.70
CA PHE B 153 -30.76 -8.72 27.71
C PHE B 153 -31.69 -9.65 28.50
N ASP B 154 -32.91 -9.18 28.76
CA ASP B 154 -33.88 -9.99 29.48
C ASP B 154 -34.22 -11.21 28.65
N SER B 155 -34.32 -11.04 27.35
CA SER B 155 -34.63 -12.16 26.46
C SER B 155 -33.46 -13.14 26.46
N LEU B 156 -32.25 -12.60 26.34
CA LEU B 156 -31.05 -13.44 26.34
C LEU B 156 -31.00 -14.33 27.56
N VAL B 157 -31.14 -13.72 28.74
CA VAL B 157 -31.11 -14.46 30.00
C VAL B 157 -32.25 -15.46 30.15
N LYS B 158 -33.41 -15.13 29.60
CA LYS B 158 -34.56 -16.02 29.70
C LYS B 158 -34.47 -17.20 28.73
N GLN B 159 -33.97 -16.94 27.53
CA GLN B 159 -33.87 -17.98 26.51
C GLN B 159 -32.57 -18.79 26.53
N THR B 160 -31.57 -18.32 27.27
CA THR B 160 -30.30 -19.03 27.35
C THR B 160 -29.84 -19.21 28.79
N HIS B 161 -28.65 -19.76 28.96
CA HIS B 161 -28.07 -19.98 30.27
C HIS B 161 -27.02 -18.93 30.61
N VAL B 162 -26.90 -17.93 29.75
CA VAL B 162 -25.95 -16.83 29.96
C VAL B 162 -26.28 -16.17 31.30
N PRO B 163 -25.28 -16.03 32.18
CA PRO B 163 -25.50 -15.41 33.49
C PRO B 163 -26.06 -13.98 33.36
N ASN B 164 -26.95 -13.61 34.28
CA ASN B 164 -27.58 -12.30 34.26
C ASN B 164 -26.67 -11.17 34.72
N LEU B 165 -25.68 -10.85 33.89
CA LEU B 165 -24.74 -9.78 34.18
C LEU B 165 -23.81 -9.59 33.00
N PHE B 166 -23.35 -8.36 32.82
CA PHE B 166 -22.42 -8.04 31.74
C PHE B 166 -21.49 -6.98 32.31
N SER B 167 -20.31 -6.86 31.73
CA SER B 167 -19.34 -5.88 32.18
C SER B 167 -18.80 -5.11 30.98
N LEU B 168 -18.41 -3.86 31.21
CA LEU B 168 -17.92 -3.01 30.14
C LEU B 168 -16.59 -2.38 30.44
N GLN B 169 -15.67 -2.47 29.47
CA GLN B 169 -14.36 -1.86 29.59
C GLN B 169 -14.30 -0.90 28.43
N LEU B 170 -14.48 0.38 28.68
CA LEU B 170 -14.42 1.37 27.62
C LEU B 170 -13.04 2.02 27.65
N CYS B 171 -12.37 2.02 26.50
CA CYS B 171 -11.03 2.60 26.44
C CYS B 171 -11.01 3.82 25.53
N GLY B 172 -10.73 4.99 26.09
CA GLY B 172 -10.70 6.20 25.30
C GLY B 172 -9.35 6.45 24.67
N ALA B 173 -9.28 7.46 23.78
CA ALA B 173 -8.03 7.80 23.11
C ALA B 173 -6.92 8.11 24.11
N SER B 185 -10.92 4.52 16.05
CA SER B 185 -9.96 5.27 16.84
C SER B 185 -10.11 4.95 18.33
N VAL B 186 -11.20 4.29 18.69
CA VAL B 186 -11.46 3.94 20.08
C VAL B 186 -11.98 2.50 20.16
N GLY B 187 -11.77 1.85 21.30
CA GLY B 187 -12.23 0.48 21.44
C GLY B 187 -12.54 0.05 22.87
N GLY B 188 -12.68 -1.26 23.07
CA GLY B 188 -12.97 -1.78 24.39
C GLY B 188 -13.59 -3.16 24.32
N SER B 189 -14.29 -3.56 25.37
CA SER B 189 -14.92 -4.87 25.35
C SER B 189 -16.14 -4.97 26.24
N MET B 190 -17.09 -5.77 25.77
CA MET B 190 -18.32 -6.01 26.51
C MET B 190 -18.39 -7.51 26.77
N ILE B 191 -18.15 -7.90 28.02
CA ILE B 191 -18.20 -9.30 28.39
C ILE B 191 -19.62 -9.62 28.82
N ILE B 192 -20.29 -10.40 27.99
CA ILE B 192 -21.66 -10.79 28.25
C ILE B 192 -21.71 -12.06 29.10
N GLY B 193 -22.32 -11.94 30.28
CA GLY B 193 -22.47 -13.09 31.15
C GLY B 193 -21.36 -13.33 32.18
N GLY B 194 -20.46 -12.38 32.35
CA GLY B 194 -19.40 -12.58 33.31
C GLY B 194 -18.39 -11.47 33.47
N ILE B 195 -17.33 -11.75 34.22
CA ILE B 195 -16.26 -10.81 34.49
C ILE B 195 -14.95 -11.42 33.98
N ASP B 196 -14.17 -10.63 33.25
CA ASP B 196 -12.89 -11.12 32.72
C ASP B 196 -11.76 -10.41 33.47
N HIS B 197 -11.04 -11.18 34.27
CA HIS B 197 -9.93 -10.68 35.10
C HIS B 197 -8.81 -9.93 34.37
N SER B 198 -8.65 -10.15 33.08
CA SER B 198 -7.59 -9.48 32.35
C SER B 198 -7.93 -8.02 32.05
N LEU B 199 -9.18 -7.63 32.30
CA LEU B 199 -9.61 -6.28 32.01
C LEU B 199 -9.45 -5.25 33.12
N TYR B 200 -8.98 -5.67 34.29
CA TYR B 200 -8.81 -4.72 35.37
C TYR B 200 -7.70 -5.13 36.33
N THR B 201 -7.36 -4.19 37.22
CA THR B 201 -6.35 -4.44 38.23
C THR B 201 -6.93 -3.99 39.56
N GLY B 202 -6.39 -4.52 40.66
CA GLY B 202 -6.88 -4.15 41.97
C GLY B 202 -8.19 -4.86 42.25
N SER B 203 -8.92 -4.40 43.26
CA SER B 203 -10.18 -5.02 43.64
C SER B 203 -11.40 -4.32 43.07
N LEU B 204 -12.50 -5.06 42.96
CA LEU B 204 -13.75 -4.50 42.47
C LEU B 204 -14.51 -3.94 43.67
N TRP B 205 -15.14 -2.79 43.49
CA TRP B 205 -15.93 -2.16 44.54
C TRP B 205 -17.36 -2.01 44.03
N TYR B 206 -18.32 -2.48 44.81
CA TYR B 206 -19.71 -2.42 44.39
C TYR B 206 -20.60 -1.39 45.07
N THR B 207 -21.48 -0.78 44.27
CA THR B 207 -22.44 0.19 44.76
C THR B 207 -23.81 -0.37 44.37
N PRO B 208 -24.78 -0.28 45.28
CA PRO B 208 -26.11 -0.82 44.96
C PRO B 208 -26.82 -0.13 43.80
N ILE B 209 -27.58 -0.91 43.04
CA ILE B 209 -28.39 -0.35 41.98
C ILE B 209 -29.61 0.03 42.81
N ARG B 210 -29.81 1.33 43.01
CA ARG B 210 -30.93 1.80 43.84
C ARG B 210 -32.29 1.29 43.40
N ARG B 211 -32.54 1.40 42.09
CA ARG B 211 -33.82 0.99 41.52
C ARG B 211 -33.57 0.46 40.13
N GLU B 212 -34.29 -0.60 39.77
CA GLU B 212 -34.14 -1.21 38.46
C GLU B 212 -34.95 -0.57 37.34
N TRP B 213 -34.41 0.50 36.77
CA TRP B 213 -35.05 1.16 35.63
C TRP B 213 -33.84 1.63 34.84
N TYR B 214 -33.24 2.75 35.23
CA TYR B 214 -31.99 3.18 34.59
C TYR B 214 -31.05 2.44 35.54
N TYR B 215 -29.74 2.48 35.27
CA TYR B 215 -28.80 1.85 36.20
C TYR B 215 -28.51 2.99 37.17
N GLU B 216 -29.42 3.18 38.13
CA GLU B 216 -29.32 4.24 39.13
C GLU B 216 -28.48 3.89 40.33
N VAL B 217 -27.62 4.84 40.71
CA VAL B 217 -26.75 4.66 41.85
C VAL B 217 -26.83 5.91 42.70
N ILE B 218 -26.17 5.89 43.85
CA ILE B 218 -26.21 7.04 44.74
C ILE B 218 -24.82 7.54 45.09
N ILE B 219 -24.58 8.81 44.78
CA ILE B 219 -23.32 9.45 45.08
C ILE B 219 -23.51 10.08 46.45
N VAL B 220 -22.59 9.81 47.37
CA VAL B 220 -22.71 10.32 48.73
C VAL B 220 -21.73 11.43 49.09
N ARG B 221 -20.76 11.68 48.23
CA ARG B 221 -19.77 12.73 48.50
C ARG B 221 -18.98 13.03 47.24
N VAL B 222 -18.62 14.29 47.05
CA VAL B 222 -17.85 14.69 45.89
C VAL B 222 -16.67 15.56 46.31
N GLU B 223 -15.50 15.25 45.75
CA GLU B 223 -14.30 16.00 46.06
C GLU B 223 -13.59 16.40 44.77
N ILE B 224 -13.03 17.60 44.78
CA ILE B 224 -12.28 18.11 43.64
C ILE B 224 -11.01 18.72 44.21
N ASN B 225 -9.87 18.34 43.66
CA ASN B 225 -8.59 18.85 44.14
C ASN B 225 -8.42 18.51 45.62
N GLY B 226 -9.10 17.46 46.05
CA GLY B 226 -9.00 17.02 47.43
C GLY B 226 -9.93 17.75 48.39
N GLN B 227 -10.60 18.79 47.90
CA GLN B 227 -11.53 19.55 48.73
C GLN B 227 -12.97 19.10 48.49
N ASP B 228 -13.72 18.97 49.58
CA ASP B 228 -15.11 18.54 49.48
C ASP B 228 -16.05 19.70 49.17
N LEU B 229 -16.98 19.47 48.26
CA LEU B 229 -17.94 20.49 47.86
C LEU B 229 -18.90 20.88 48.98
N LYS B 230 -18.92 20.08 50.05
CA LYS B 230 -19.77 20.34 51.20
C LYS B 230 -21.24 20.62 50.90
N MET B 231 -21.75 20.06 49.81
CA MET B 231 -23.14 20.24 49.45
C MET B 231 -23.97 19.14 50.10
N ASP B 232 -25.29 19.31 50.11
CA ASP B 232 -26.18 18.29 50.63
C ASP B 232 -26.06 17.20 49.57
N CYS B 233 -25.63 16.00 49.96
CA CYS B 233 -25.44 14.92 49.01
C CYS B 233 -26.66 14.66 48.11
N LYS B 234 -27.83 15.19 48.49
CA LYS B 234 -29.02 15.01 47.67
C LYS B 234 -28.83 15.75 46.35
N GLU B 235 -28.09 16.85 46.38
CA GLU B 235 -27.85 17.65 45.19
C GLU B 235 -27.10 16.85 44.12
N TYR B 236 -26.22 15.96 44.58
CA TYR B 236 -25.43 15.13 43.68
C TYR B 236 -26.29 14.13 42.90
N ASN B 237 -27.47 13.80 43.44
CA ASN B 237 -28.36 12.84 42.80
C ASN B 237 -29.73 13.42 42.43
N TYR B 238 -29.76 14.71 42.11
CA TYR B 238 -31.01 15.38 41.74
C TYR B 238 -31.14 15.46 40.21
N ASP B 239 -32.13 14.77 39.64
CA ASP B 239 -33.09 13.97 40.38
C ASP B 239 -32.75 12.48 40.38
N LYS B 240 -31.56 12.15 39.90
CA LYS B 240 -31.07 10.78 39.88
C LYS B 240 -29.65 10.77 39.35
N SER B 241 -28.96 9.65 39.56
CA SER B 241 -27.59 9.49 39.07
C SER B 241 -27.59 8.15 38.35
N ILE B 242 -27.14 8.15 37.10
CA ILE B 242 -27.11 6.92 36.34
C ILE B 242 -25.76 6.67 35.68
N VAL B 243 -25.50 5.42 35.35
CA VAL B 243 -24.26 5.04 34.67
C VAL B 243 -24.69 4.84 33.22
N ASP B 244 -24.19 5.67 32.31
CA ASP B 244 -24.61 5.57 30.91
C ASP B 244 -23.51 5.52 29.87
N SER B 245 -23.28 4.34 29.31
CA SER B 245 -22.26 4.16 28.30
C SER B 245 -22.63 4.92 27.02
N GLY B 246 -23.88 5.34 26.93
CA GLY B 246 -24.34 6.08 25.76
C GLY B 246 -24.21 7.59 25.86
N THR B 247 -23.57 8.06 26.93
CA THR B 247 -23.35 9.49 27.12
C THR B 247 -21.84 9.71 27.13
N THR B 248 -21.38 10.73 26.41
CA THR B 248 -19.95 11.01 26.32
C THR B 248 -19.37 11.65 27.58
N ASN B 249 -20.04 12.67 28.07
CA ASN B 249 -19.58 13.42 29.23
C ASN B 249 -19.98 12.93 30.60
N LEU B 250 -19.48 13.68 31.58
CA LEU B 250 -19.82 13.49 32.97
C LEU B 250 -20.78 14.66 33.08
N ARG B 251 -22.08 14.38 33.17
CA ARG B 251 -23.04 15.45 33.27
C ARG B 251 -23.51 15.58 34.71
N LEU B 252 -23.55 16.82 35.20
CA LEU B 252 -23.93 17.08 36.57
C LEU B 252 -25.07 18.07 36.68
N PRO B 253 -25.88 17.96 37.75
CA PRO B 253 -27.01 18.86 37.96
C PRO B 253 -26.46 20.29 38.02
N LYS B 254 -27.25 21.25 37.56
CA LYS B 254 -26.85 22.65 37.54
C LYS B 254 -25.99 23.12 38.73
N LYS B 255 -26.53 23.02 39.94
CA LYS B 255 -25.81 23.44 41.13
C LYS B 255 -24.44 22.78 41.30
N VAL B 256 -24.39 21.46 41.13
CA VAL B 256 -23.14 20.73 41.27
C VAL B 256 -22.17 21.12 40.15
N PHE B 257 -22.70 21.30 38.95
CA PHE B 257 -21.88 21.67 37.81
C PHE B 257 -21.19 22.99 38.06
N GLU B 258 -21.96 23.97 38.52
CA GLU B 258 -21.42 25.30 38.80
C GLU B 258 -20.29 25.22 39.82
N ALA B 259 -20.55 24.56 40.94
CA ALA B 259 -19.55 24.41 41.99
C ALA B 259 -18.32 23.68 41.48
N ALA B 260 -18.51 22.73 40.58
CA ALA B 260 -17.41 21.96 40.02
C ALA B 260 -16.52 22.81 39.12
N VAL B 261 -17.15 23.57 38.22
CA VAL B 261 -16.41 24.44 37.32
C VAL B 261 -15.63 25.49 38.10
N LYS B 262 -16.26 26.04 39.14
CA LYS B 262 -15.62 27.04 39.98
C LYS B 262 -14.32 26.51 40.58
N SER B 263 -14.38 25.30 41.13
CA SER B 263 -13.22 24.67 41.75
C SER B 263 -12.16 24.31 40.70
N ILE B 264 -12.60 23.71 39.60
CA ILE B 264 -11.68 23.32 38.53
C ILE B 264 -11.01 24.55 37.93
N LYS B 265 -11.77 25.63 37.80
CA LYS B 265 -11.24 26.86 37.23
C LYS B 265 -10.22 27.48 38.20
N ALA B 266 -10.50 27.38 39.49
CA ALA B 266 -9.61 27.93 40.50
C ALA B 266 -8.30 27.13 40.56
N ALA B 267 -8.41 25.81 40.52
CA ALA B 267 -7.24 24.95 40.57
C ALA B 267 -6.38 25.08 39.32
N SER B 268 -6.93 25.72 38.28
CA SER B 268 -6.21 25.91 37.03
C SER B 268 -6.27 27.38 36.63
N SER B 269 -6.33 28.25 37.63
CA SER B 269 -6.40 29.68 37.39
C SER B 269 -5.07 30.24 36.87
N THR B 270 -4.01 29.45 37.02
CA THR B 270 -2.69 29.87 36.56
C THR B 270 -2.68 30.09 35.05
N GLU B 271 -3.69 29.56 34.37
CA GLU B 271 -3.78 29.72 32.93
C GLU B 271 -5.14 30.32 32.54
N LYS B 272 -5.22 30.85 31.33
CA LYS B 272 -6.45 31.48 30.84
C LYS B 272 -7.21 30.58 29.87
N PHE B 273 -8.51 30.44 30.10
CA PHE B 273 -9.36 29.62 29.24
C PHE B 273 -10.65 30.34 28.89
N PRO B 274 -11.01 30.40 27.60
CA PRO B 274 -12.23 31.06 27.13
C PRO B 274 -13.48 30.43 27.75
N ASP B 275 -14.48 31.25 28.02
CA ASP B 275 -15.72 30.75 28.60
C ASP B 275 -16.35 29.66 27.74
N GLY B 276 -16.08 29.73 26.44
CA GLY B 276 -16.62 28.74 25.53
C GLY B 276 -16.07 27.35 25.82
N PHE B 277 -14.89 27.31 26.44
CA PHE B 277 -14.24 26.06 26.79
C PHE B 277 -14.99 25.37 27.92
N TRP B 278 -15.34 26.15 28.94
CA TRP B 278 -16.06 25.62 30.10
C TRP B 278 -17.48 25.22 29.74
N LEU B 279 -17.94 25.64 28.57
CA LEU B 279 -19.28 25.31 28.11
C LEU B 279 -19.23 24.09 27.20
N GLY B 280 -18.05 23.52 27.05
CA GLY B 280 -17.88 22.35 26.22
C GLY B 280 -17.94 22.68 24.74
N GLU B 281 -17.68 23.95 24.40
CA GLU B 281 -17.70 24.40 23.02
C GLU B 281 -16.30 24.68 22.50
N GLN B 282 -15.69 25.76 22.97
CA GLN B 282 -14.33 26.11 22.54
C GLN B 282 -13.35 25.02 22.97
N LEU B 283 -12.38 24.73 22.12
CA LEU B 283 -11.38 23.72 22.43
C LEU B 283 -10.02 24.36 22.67
N VAL B 284 -9.38 24.00 23.78
CA VAL B 284 -8.07 24.52 24.12
C VAL B 284 -6.98 23.60 23.58
N CYS B 285 -5.92 24.19 23.04
CA CYS B 285 -4.81 23.41 22.50
C CYS B 285 -3.48 23.80 23.14
N TRP B 286 -2.55 22.85 23.11
CA TRP B 286 -1.20 23.05 23.66
C TRP B 286 -0.24 22.36 22.71
N GLN B 287 1.00 22.84 22.64
CA GLN B 287 1.99 22.23 21.77
C GLN B 287 2.06 20.73 21.98
N ALA B 288 2.13 19.98 20.88
CA ALA B 288 2.19 18.53 20.93
C ALA B 288 3.00 18.01 22.12
N GLY B 289 2.32 17.39 23.08
CA GLY B 289 2.99 16.85 24.24
C GLY B 289 3.40 17.87 25.28
N THR B 290 2.57 18.89 25.48
CA THR B 290 2.89 19.92 26.47
C THR B 290 1.68 20.24 27.34
N THR B 291 0.64 19.40 27.24
CA THR B 291 -0.58 19.60 28.02
C THR B 291 -0.30 19.65 29.52
N PRO B 292 -0.67 20.76 30.18
CA PRO B 292 -0.48 20.98 31.61
C PRO B 292 -1.44 20.17 32.49
N TRP B 293 -1.33 18.85 32.41
CA TRP B 293 -2.18 17.95 33.20
C TRP B 293 -2.17 18.29 34.68
N ASN B 294 -0.97 18.41 35.24
CA ASN B 294 -0.80 18.71 36.66
C ASN B 294 -1.55 19.96 37.12
N ILE B 295 -1.97 20.80 36.18
CA ILE B 295 -2.68 22.01 36.52
C ILE B 295 -4.16 21.75 36.76
N PHE B 296 -4.67 20.65 36.20
CA PHE B 296 -6.07 20.27 36.35
C PHE B 296 -6.23 19.28 37.51
N PRO B 297 -7.16 19.58 38.42
CA PRO B 297 -7.46 18.75 39.60
C PRO B 297 -8.17 17.43 39.32
N VAL B 298 -8.01 16.48 40.23
CA VAL B 298 -8.66 15.18 40.08
C VAL B 298 -10.02 15.27 40.74
N ILE B 299 -10.98 14.50 40.24
CA ILE B 299 -12.31 14.50 40.80
C ILE B 299 -12.64 13.14 41.42
N SER B 300 -13.09 13.17 42.66
CA SER B 300 -13.45 11.93 43.34
C SER B 300 -14.93 11.87 43.64
N LEU B 301 -15.56 10.78 43.24
CA LEU B 301 -16.98 10.56 43.49
C LEU B 301 -17.06 9.39 44.47
N TYR B 302 -17.66 9.65 45.63
CA TYR B 302 -17.83 8.59 46.62
C TYR B 302 -19.20 7.99 46.38
N LEU B 303 -19.26 6.68 46.22
CA LEU B 303 -20.52 5.98 45.97
C LEU B 303 -20.92 5.11 47.15
N MET B 304 -22.24 4.97 47.35
CA MET B 304 -22.76 4.14 48.42
C MET B 304 -22.15 2.76 48.30
N GLY B 305 -21.74 2.18 49.43
CA GLY B 305 -21.14 0.87 49.41
C GLY B 305 -22.09 -0.28 49.64
N GLU B 306 -21.55 -1.45 49.96
CA GLU B 306 -22.35 -2.65 50.21
C GLU B 306 -22.70 -2.91 51.66
N VAL B 307 -21.95 -2.34 52.60
CA VAL B 307 -22.22 -2.55 54.02
C VAL B 307 -22.61 -1.26 54.72
N THR B 308 -23.19 -1.39 55.91
CA THR B 308 -23.66 -0.25 56.70
C THR B 308 -22.66 0.89 56.87
N ASN B 309 -23.09 2.10 56.55
CA ASN B 309 -22.27 3.30 56.68
C ASN B 309 -20.93 3.23 55.95
N GLN B 310 -20.87 2.41 54.90
CA GLN B 310 -19.64 2.25 54.14
C GLN B 310 -19.77 2.68 52.69
N SER B 311 -18.78 3.42 52.22
CA SER B 311 -18.76 3.88 50.84
C SER B 311 -17.37 3.62 50.29
N PHE B 312 -17.17 4.01 49.04
CA PHE B 312 -15.87 3.88 48.39
C PHE B 312 -15.81 5.04 47.40
N ARG B 313 -14.63 5.30 46.84
CA ARG B 313 -14.54 6.41 45.91
C ARG B 313 -13.79 6.04 44.65
N ILE B 314 -14.19 6.68 43.56
CA ILE B 314 -13.54 6.47 42.27
C ILE B 314 -12.93 7.83 41.95
N THR B 315 -11.70 7.82 41.45
CA THR B 315 -11.02 9.07 41.14
C THR B 315 -10.75 9.17 39.65
N ILE B 316 -11.10 10.30 39.05
CA ILE B 316 -10.86 10.49 37.63
C ILE B 316 -9.85 11.59 37.41
N LEU B 317 -8.95 11.38 36.46
CA LEU B 317 -7.91 12.34 36.14
C LEU B 317 -8.37 13.28 35.02
N PRO B 318 -7.65 14.39 34.82
CA PRO B 318 -8.00 15.34 33.77
C PRO B 318 -7.99 14.64 32.42
N GLN B 319 -7.15 13.61 32.30
CA GLN B 319 -7.06 12.84 31.07
C GLN B 319 -8.40 12.20 30.72
N GLN B 320 -9.33 12.23 31.69
CA GLN B 320 -10.66 11.67 31.49
C GLN B 320 -11.66 12.73 31.08
N TYR B 321 -11.75 13.82 31.84
CA TYR B 321 -12.72 14.85 31.51
C TYR B 321 -12.27 15.88 30.49
N LEU B 322 -11.15 15.60 29.83
CA LEU B 322 -10.64 16.46 28.78
C LEU B 322 -10.58 15.56 27.55
N ARG B 323 -11.64 15.59 26.76
CA ARG B 323 -11.74 14.77 25.56
C ARG B 323 -10.94 15.34 24.40
N PRO B 324 -9.90 14.63 23.96
CA PRO B 324 -9.05 15.06 22.85
C PRO B 324 -9.80 15.07 21.53
N VAL B 325 -9.68 16.16 20.78
CA VAL B 325 -10.34 16.28 19.49
C VAL B 325 -9.35 16.67 18.40
N GLU B 326 -9.59 16.17 17.19
CA GLU B 326 -8.71 16.46 16.07
C GLU B 326 -8.72 17.93 15.66
N ASP B 327 -7.62 18.36 15.07
CA ASP B 327 -7.45 19.74 14.62
C ASP B 327 -6.18 19.80 13.78
N VAL B 328 -5.86 18.69 13.11
CA VAL B 328 -4.68 18.60 12.26
C VAL B 328 -4.87 19.35 10.95
N ALA B 329 -6.01 20.03 10.82
CA ALA B 329 -6.31 20.79 9.62
C ALA B 329 -6.10 22.27 9.87
N THR B 330 -6.28 22.69 11.13
CA THR B 330 -6.12 24.08 11.50
C THR B 330 -4.96 24.24 12.49
N SER B 331 -4.43 23.12 12.96
CA SER B 331 -3.33 23.13 13.90
C SER B 331 -2.49 21.85 13.83
N GLN B 332 -1.41 21.82 14.60
CA GLN B 332 -0.52 20.67 14.61
C GLN B 332 -0.09 20.38 16.05
N ASP B 333 -1.05 20.39 16.97
CA ASP B 333 -0.76 20.14 18.38
C ASP B 333 -1.84 19.31 19.05
N ASP B 334 -1.87 19.35 20.38
CA ASP B 334 -2.84 18.60 21.16
C ASP B 334 -3.99 19.49 21.62
N CYS B 335 -5.18 19.22 21.09
CA CYS B 335 -6.36 19.99 21.46
C CYS B 335 -7.34 19.11 22.25
N TYR B 336 -8.04 19.72 23.19
CA TYR B 336 -9.00 18.97 24.00
C TYR B 336 -10.30 19.74 24.16
N LYS B 337 -11.32 19.05 24.63
CA LYS B 337 -12.63 19.64 24.86
C LYS B 337 -13.05 19.29 26.28
N PHE B 338 -13.68 20.24 26.96
CA PHE B 338 -14.14 20.02 28.33
C PHE B 338 -15.28 19.01 28.29
N ALA B 339 -15.06 17.83 28.87
CA ALA B 339 -16.08 16.77 28.86
C ALA B 339 -16.97 16.69 30.10
N ILE B 340 -17.14 17.82 30.78
CA ILE B 340 -18.00 17.90 31.95
C ILE B 340 -19.03 18.95 31.60
N SER B 341 -20.31 18.57 31.59
CA SER B 341 -21.36 19.52 31.24
C SER B 341 -22.56 19.46 32.19
N GLN B 342 -23.44 20.45 32.05
CA GLN B 342 -24.63 20.57 32.89
C GLN B 342 -25.80 19.69 32.42
N SER B 343 -26.55 19.18 33.39
CA SER B 343 -27.69 18.31 33.11
C SER B 343 -28.92 18.82 33.85
N SER B 344 -30.10 18.52 33.30
CA SER B 344 -31.34 18.93 33.94
C SER B 344 -32.10 17.67 34.39
N THR B 345 -31.51 16.51 34.11
CA THR B 345 -32.14 15.24 34.49
C THR B 345 -31.25 14.35 35.37
N GLY B 346 -30.49 15.00 36.25
CA GLY B 346 -29.63 14.26 37.15
C GLY B 346 -28.22 14.01 36.68
N THR B 347 -27.40 13.42 37.54
CA THR B 347 -26.02 13.12 37.20
C THR B 347 -25.96 11.99 36.19
N VAL B 348 -25.06 12.12 35.22
CA VAL B 348 -24.88 11.05 34.24
C VAL B 348 -23.40 10.68 34.18
N MET B 349 -23.09 9.48 34.62
CA MET B 349 -21.70 9.01 34.58
C MET B 349 -21.46 8.40 33.21
N GLY B 350 -21.05 9.25 32.27
CA GLY B 350 -20.80 8.80 30.92
C GLY B 350 -19.43 8.18 30.70
N ALA B 351 -19.03 8.12 29.43
CA ALA B 351 -17.75 7.55 29.04
C ALA B 351 -16.55 8.11 29.80
N VAL B 352 -16.54 9.42 30.02
CA VAL B 352 -15.44 10.05 30.73
C VAL B 352 -15.18 9.35 32.06
N ILE B 353 -16.25 8.93 32.73
CA ILE B 353 -16.12 8.23 33.99
C ILE B 353 -15.78 6.77 33.75
N MET B 354 -16.54 6.12 32.87
CA MET B 354 -16.36 4.72 32.56
C MET B 354 -15.03 4.33 31.92
N GLU B 355 -14.42 5.24 31.18
CA GLU B 355 -13.14 4.95 30.53
C GLU B 355 -12.00 4.74 31.51
N GLY B 356 -12.17 5.19 32.74
CA GLY B 356 -11.12 5.01 33.72
C GLY B 356 -11.29 3.70 34.46
N PHE B 357 -12.39 3.00 34.21
CA PHE B 357 -12.63 1.76 34.94
C PHE B 357 -13.29 0.61 34.20
N TYR B 358 -13.26 -0.55 34.85
CA TYR B 358 -13.92 -1.75 34.36
C TYR B 358 -15.21 -1.69 35.16
N VAL B 359 -16.35 -1.59 34.47
CA VAL B 359 -17.65 -1.49 35.15
C VAL B 359 -18.48 -2.75 34.98
N VAL B 360 -18.81 -3.36 36.12
CA VAL B 360 -19.59 -4.59 36.12
C VAL B 360 -21.04 -4.33 36.47
N PHE B 361 -21.92 -4.65 35.52
CA PHE B 361 -23.36 -4.47 35.71
C PHE B 361 -23.93 -5.81 36.19
N ASP B 362 -23.81 -6.02 37.50
CA ASP B 362 -24.25 -7.25 38.14
C ASP B 362 -25.75 -7.24 38.42
N ARG B 363 -26.55 -7.47 37.38
CA ARG B 363 -28.00 -7.48 37.53
C ARG B 363 -28.47 -8.53 38.52
N ALA B 364 -27.83 -9.70 38.50
CA ALA B 364 -28.21 -10.79 39.41
C ALA B 364 -28.16 -10.39 40.88
N ARG B 365 -27.18 -9.57 41.24
CA ARG B 365 -27.05 -9.14 42.63
C ARG B 365 -27.36 -7.65 42.83
N LYS B 366 -28.10 -7.07 41.89
CA LYS B 366 -28.50 -5.67 41.94
C LYS B 366 -27.39 -4.71 42.38
N ARG B 367 -26.25 -4.76 41.71
CA ARG B 367 -25.14 -3.90 42.08
C ARG B 367 -24.25 -3.63 40.87
N ILE B 368 -23.49 -2.55 40.94
CA ILE B 368 -22.58 -2.19 39.86
C ILE B 368 -21.18 -2.11 40.47
N GLY B 369 -20.23 -2.81 39.85
CA GLY B 369 -18.88 -2.81 40.37
C GLY B 369 -17.89 -1.99 39.57
N PHE B 370 -16.95 -1.39 40.26
CA PHE B 370 -15.92 -0.56 39.64
C PHE B 370 -14.52 -1.06 40.03
N ALA B 371 -13.61 -1.05 39.07
CA ALA B 371 -12.23 -1.46 39.30
C ALA B 371 -11.39 -0.68 38.29
N VAL B 372 -10.15 -0.38 38.65
CA VAL B 372 -9.26 0.35 37.75
C VAL B 372 -9.17 -0.45 36.45
N SER B 373 -9.37 0.23 35.32
CA SER B 373 -9.31 -0.42 34.02
C SER B 373 -7.87 -0.70 33.58
N ALA B 374 -7.68 -1.83 32.91
CA ALA B 374 -6.35 -2.19 32.43
C ALA B 374 -5.93 -1.29 31.27
N CYS B 375 -6.86 -0.52 30.73
CA CYS B 375 -6.59 0.38 29.61
C CYS B 375 -6.84 1.84 29.98
N HIS B 376 -6.85 2.14 31.26
CA HIS B 376 -7.09 3.52 31.71
C HIS B 376 -5.98 4.43 31.22
N VAL B 377 -6.34 5.66 30.86
CA VAL B 377 -5.36 6.63 30.39
C VAL B 377 -4.77 7.37 31.58
N HIS B 378 -3.53 7.02 31.92
CA HIS B 378 -2.85 7.64 33.05
C HIS B 378 -1.52 8.24 32.62
N ASP B 379 -1.11 9.30 33.31
CA ASP B 379 0.16 9.97 33.01
C ASP B 379 1.30 9.31 33.76
N GLU B 380 2.04 10.09 34.54
CA GLU B 380 3.18 9.55 35.27
C GLU B 380 3.28 10.12 36.69
N PHE B 381 2.38 11.03 37.05
CA PHE B 381 2.39 11.62 38.37
C PHE B 381 1.11 11.29 39.14
N ARG B 382 0.09 10.84 38.42
CA ARG B 382 -1.18 10.48 39.03
C ARG B 382 -1.83 9.31 38.30
N THR B 383 -2.92 8.80 38.85
CA THR B 383 -3.61 7.67 38.23
C THR B 383 -5.03 7.52 38.77
N ALA B 384 -5.93 7.08 37.90
CA ALA B 384 -7.33 6.88 38.30
C ALA B 384 -7.32 5.75 39.34
N ALA B 385 -8.29 5.77 40.24
CA ALA B 385 -8.34 4.75 41.27
C ALA B 385 -9.72 4.51 41.86
N VAL B 386 -9.86 3.37 42.54
CA VAL B 386 -11.08 2.97 43.20
C VAL B 386 -10.58 2.56 44.58
N GLU B 387 -10.90 3.36 45.59
CA GLU B 387 -10.42 3.10 46.94
C GLU B 387 -11.51 3.01 47.99
N GLY B 388 -11.28 2.19 49.00
CA GLY B 388 -12.23 2.01 50.08
C GLY B 388 -11.64 1.13 51.16
N PRO B 389 -12.34 0.96 52.29
CA PRO B 389 -13.65 1.58 52.52
C PRO B 389 -13.54 2.96 53.14
N PHE B 390 -14.67 3.66 53.15
CA PHE B 390 -14.77 4.98 53.75
C PHE B 390 -16.07 4.94 54.54
N VAL B 391 -16.19 5.80 55.54
CA VAL B 391 -17.40 5.86 56.35
C VAL B 391 -18.24 7.05 55.92
N THR B 392 -19.54 6.81 55.75
CA THR B 392 -20.49 7.85 55.38
C THR B 392 -21.82 7.50 56.04
N LEU B 393 -22.37 8.43 56.81
CA LEU B 393 -23.61 8.18 57.51
C LEU B 393 -24.84 8.58 56.67
N ASP B 394 -25.98 7.97 56.98
CA ASP B 394 -27.23 8.28 56.29
C ASP B 394 -27.08 8.32 54.77
N MET B 395 -26.38 7.35 54.20
CA MET B 395 -26.17 7.32 52.76
C MET B 395 -27.48 7.25 51.97
N GLU B 396 -28.46 6.54 52.51
CA GLU B 396 -29.74 6.41 51.83
C GLU B 396 -30.41 7.76 51.66
N ASP B 397 -30.16 8.67 52.60
CA ASP B 397 -30.76 10.00 52.55
C ASP B 397 -30.23 10.83 51.40
N CYS B 398 -29.16 10.36 50.75
CA CYS B 398 -28.59 11.08 49.63
C CYS B 398 -29.45 10.87 48.39
N GLY B 399 -30.26 9.83 48.40
CA GLY B 399 -31.12 9.55 47.28
C GLY B 399 -32.24 10.57 47.19
N TYR B 400 -32.58 10.97 45.98
CA TYR B 400 -33.64 11.94 45.77
C TYR B 400 -35.00 11.25 45.66
N ASN B 401 -36.04 11.86 46.23
CA ASN B 401 -37.38 11.32 46.18
C ASN B 401 -38.35 12.26 45.49
N SER C 14 4.34 28.65 -36.87
CA SER C 14 3.17 27.97 -37.51
C SER C 14 3.62 26.69 -38.20
N PHE C 15 3.40 25.56 -37.55
CA PHE C 15 3.80 24.26 -38.10
C PHE C 15 2.60 23.41 -38.51
N VAL C 16 1.40 23.94 -38.33
CA VAL C 16 0.20 23.20 -38.69
C VAL C 16 0.21 22.77 -40.16
N GLU C 17 0.85 23.56 -41.00
CA GLU C 17 0.92 23.26 -42.43
C GLU C 17 1.81 22.05 -42.74
N MET C 18 2.55 21.59 -41.73
CA MET C 18 3.46 20.45 -41.92
C MET C 18 2.97 19.15 -41.30
N VAL C 19 1.94 19.23 -40.46
CA VAL C 19 1.41 18.03 -39.83
C VAL C 19 0.94 17.06 -40.90
N ASP C 20 1.18 15.77 -40.68
CA ASP C 20 0.79 14.71 -41.61
C ASP C 20 1.39 14.86 -43.01
N ASN C 21 2.62 15.35 -43.09
CA ASN C 21 3.28 15.51 -44.38
C ASN C 21 4.12 14.30 -44.74
N LEU C 22 3.98 13.23 -43.97
CA LEU C 22 4.75 12.01 -44.24
C LEU C 22 3.83 10.84 -44.57
N ARG C 23 4.35 9.91 -45.35
CA ARG C 23 3.62 8.71 -45.74
C ARG C 23 4.60 7.56 -45.68
N GLY C 24 4.09 6.33 -45.73
CA GLY C 24 4.97 5.18 -45.67
C GLY C 24 4.81 4.36 -44.40
N LYS C 25 5.70 3.39 -44.21
CA LYS C 25 5.69 2.53 -43.04
C LYS C 25 7.11 2.18 -42.62
N SER C 26 7.25 1.57 -41.46
CA SER C 26 8.56 1.21 -40.94
C SER C 26 9.32 0.25 -41.84
N GLY C 27 8.61 -0.71 -42.41
CA GLY C 27 9.22 -1.70 -43.28
C GLY C 27 9.84 -1.16 -44.56
N GLN C 28 9.23 -0.14 -45.15
CA GLN C 28 9.74 0.42 -46.39
C GLN C 28 10.13 1.89 -46.29
N GLY C 29 10.17 2.40 -45.07
CA GLY C 29 10.56 3.79 -44.86
C GLY C 29 9.44 4.82 -44.93
N TYR C 30 9.74 6.02 -44.44
CA TYR C 30 8.79 7.12 -44.46
C TYR C 30 9.32 8.18 -45.39
N TYR C 31 8.45 8.77 -46.20
CA TYR C 31 8.89 9.78 -47.14
C TYR C 31 8.08 11.07 -47.12
N VAL C 32 8.71 12.14 -47.56
CA VAL C 32 8.08 13.46 -47.62
C VAL C 32 8.18 13.92 -49.06
N GLU C 33 7.24 14.74 -49.50
CA GLU C 33 7.26 15.23 -50.87
C GLU C 33 8.17 16.43 -51.00
N MET C 34 8.94 16.48 -52.09
CA MET C 34 9.86 17.58 -52.35
C MET C 34 9.87 17.89 -53.84
N THR C 35 10.35 19.05 -54.21
CA THR C 35 10.44 19.42 -55.61
C THR C 35 11.87 19.85 -55.90
N VAL C 36 12.35 19.52 -57.10
CA VAL C 36 13.69 19.87 -57.52
C VAL C 36 13.63 20.38 -58.96
N GLY C 37 14.42 21.40 -59.26
CA GLY C 37 14.46 21.94 -60.61
C GLY C 37 13.45 23.03 -60.94
N SER C 38 13.57 23.56 -62.15
CA SER C 38 12.68 24.62 -62.64
C SER C 38 12.34 24.34 -64.11
N PRO C 39 11.06 24.09 -64.42
CA PRO C 39 9.95 24.05 -63.45
C PRO C 39 10.12 22.93 -62.44
N PRO C 40 9.48 23.06 -61.27
CA PRO C 40 9.54 22.08 -60.18
C PRO C 40 9.16 20.65 -60.58
N GLN C 41 10.01 19.70 -60.21
CA GLN C 41 9.76 18.28 -60.48
C GLN C 41 9.45 17.63 -59.14
N THR C 42 8.24 17.10 -59.01
CA THR C 42 7.82 16.47 -57.76
C THR C 42 8.33 15.06 -57.58
N LEU C 43 8.87 14.79 -56.39
CA LEU C 43 9.40 13.48 -56.06
C LEU C 43 9.18 13.18 -54.59
N ASN C 44 9.06 11.89 -54.26
CA ASN C 44 8.88 11.48 -52.87
C ASN C 44 10.26 11.09 -52.36
N ILE C 45 10.67 11.69 -51.25
CA ILE C 45 11.99 11.47 -50.69
C ILE C 45 11.96 10.81 -49.31
N LEU C 46 12.65 9.68 -49.17
CA LEU C 46 12.69 8.99 -47.90
C LEU C 46 13.50 9.79 -46.87
N VAL C 47 12.96 9.89 -45.66
CA VAL C 47 13.62 10.62 -44.57
C VAL C 47 14.58 9.66 -43.86
N ASP C 48 15.87 9.94 -43.99
CA ASP C 48 16.91 9.09 -43.39
C ASP C 48 17.86 9.84 -42.47
N THR C 49 17.66 9.71 -41.16
CA THR C 49 18.52 10.38 -40.21
C THR C 49 19.83 9.62 -40.04
N GLY C 50 19.97 8.52 -40.77
CA GLY C 50 21.17 7.72 -40.70
C GLY C 50 22.22 8.01 -41.77
N SER C 51 21.98 9.00 -42.61
CA SER C 51 22.94 9.37 -43.65
C SER C 51 22.90 10.89 -43.86
N SER C 52 23.80 11.41 -44.68
CA SER C 52 23.85 12.86 -44.89
C SER C 52 23.83 13.31 -46.35
N ASN C 53 23.52 12.41 -47.26
CA ASN C 53 23.47 12.76 -48.67
C ASN C 53 22.03 12.87 -49.18
N PHE C 54 21.78 13.89 -50.00
CA PHE C 54 20.48 14.09 -50.61
C PHE C 54 20.67 13.58 -52.02
N ALA C 55 19.96 12.51 -52.37
CA ALA C 55 20.09 11.93 -53.70
C ALA C 55 18.72 11.51 -54.24
N VAL C 56 18.61 11.50 -55.56
CA VAL C 56 17.35 11.12 -56.20
C VAL C 56 17.62 10.32 -57.46
N GLY C 57 16.70 9.41 -57.78
CA GLY C 57 16.85 8.63 -58.99
C GLY C 57 16.92 9.61 -60.15
N ALA C 58 17.90 9.47 -61.02
CA ALA C 58 18.05 10.36 -62.16
C ALA C 58 18.10 9.59 -63.47
N ALA C 59 17.78 8.30 -63.39
CA ALA C 59 17.77 7.44 -64.56
C ALA C 59 16.71 6.38 -64.33
N PRO C 60 16.10 5.88 -65.42
CA PRO C 60 15.07 4.85 -65.33
C PRO C 60 15.50 3.66 -64.46
N HIS C 61 14.54 3.08 -63.76
CA HIS C 61 14.80 1.91 -62.91
C HIS C 61 13.48 1.21 -62.65
N PRO C 62 13.48 -0.12 -62.72
CA PRO C 62 12.31 -0.98 -62.52
C PRO C 62 11.41 -0.58 -61.34
N PHE C 63 12.02 -0.18 -60.24
CA PHE C 63 11.26 0.19 -59.05
C PHE C 63 10.97 1.68 -58.96
N LEU C 64 11.25 2.42 -60.04
CA LEU C 64 10.99 3.86 -60.05
C LEU C 64 9.90 4.22 -61.04
N HIS C 65 8.87 4.89 -60.56
CA HIS C 65 7.76 5.31 -61.42
C HIS C 65 8.09 6.66 -62.06
N ARG C 66 9.03 7.38 -61.45
CA ARG C 66 9.44 8.68 -61.94
C ARG C 66 10.84 8.98 -61.43
N TYR C 67 11.53 9.90 -62.09
CA TYR C 67 12.87 10.26 -61.66
C TYR C 67 13.26 11.67 -62.08
N TYR C 68 14.36 12.14 -61.49
CA TYR C 68 14.88 13.48 -61.76
C TYR C 68 15.48 13.57 -63.15
N GLN C 69 14.95 14.47 -63.96
CA GLN C 69 15.44 14.68 -65.32
C GLN C 69 16.13 16.04 -65.36
N ARG C 70 17.46 16.02 -65.26
CA ARG C 70 18.26 17.23 -65.25
C ARG C 70 18.15 18.09 -66.51
N GLN C 71 17.92 17.47 -67.65
CA GLN C 71 17.81 18.20 -68.91
C GLN C 71 16.53 19.01 -69.03
N LEU C 72 15.64 18.88 -68.05
CA LEU C 72 14.38 19.62 -68.07
C LEU C 72 14.38 20.76 -67.05
N SER C 73 15.52 20.94 -66.37
CA SER C 73 15.65 21.98 -65.36
C SER C 73 16.62 23.06 -65.79
N SER C 74 16.13 24.30 -65.85
CA SER C 74 16.95 25.44 -66.26
C SER C 74 17.88 25.94 -65.15
N THR C 75 17.62 25.50 -63.92
CA THR C 75 18.43 25.92 -62.78
C THR C 75 19.45 24.87 -62.35
N TYR C 76 19.46 23.73 -63.05
CA TYR C 76 20.40 22.65 -62.73
C TYR C 76 21.84 23.04 -63.03
N ARG C 77 22.76 22.58 -62.19
CA ARG C 77 24.18 22.86 -62.36
C ARG C 77 24.98 21.59 -62.09
N ASP C 78 25.81 21.21 -63.06
CA ASP C 78 26.63 20.01 -62.94
C ASP C 78 27.89 20.32 -62.12
N LEU C 79 28.21 19.45 -61.16
CA LEU C 79 29.40 19.65 -60.34
C LEU C 79 30.55 18.85 -60.95
N ARG C 80 30.25 18.23 -62.09
CA ARG C 80 31.22 17.44 -62.83
C ARG C 80 32.08 16.57 -61.92
N LYS C 81 31.41 15.80 -61.06
CA LYS C 81 32.11 14.91 -60.13
C LYS C 81 31.19 13.76 -59.73
N GLY C 82 31.74 12.54 -59.73
CA GLY C 82 30.97 11.38 -59.36
C GLY C 82 30.90 11.19 -57.86
N VAL C 83 30.01 10.31 -57.42
CA VAL C 83 29.86 10.04 -55.99
C VAL C 83 29.27 8.66 -55.77
N TYR C 84 29.73 8.00 -54.71
CA TYR C 84 29.28 6.67 -54.36
C TYR C 84 28.89 6.63 -52.89
N VAL C 85 27.71 6.12 -52.59
CA VAL C 85 27.26 6.03 -51.20
C VAL C 85 26.75 4.64 -50.87
N PRO C 86 27.46 3.95 -49.96
CA PRO C 86 27.09 2.60 -49.53
C PRO C 86 26.31 2.70 -48.22
N TYR C 87 25.37 1.78 -48.01
CA TYR C 87 24.57 1.78 -46.79
C TYR C 87 24.67 0.40 -46.17
N THR C 88 24.21 0.27 -44.93
CA THR C 88 24.23 -1.01 -44.24
C THR C 88 23.73 -2.06 -45.22
N GLN C 89 22.66 -1.70 -45.93
CA GLN C 89 22.10 -2.58 -46.95
C GLN C 89 21.68 -1.70 -48.13
N GLY C 90 22.30 -1.96 -49.29
CA GLY C 90 22.00 -1.19 -50.47
C GLY C 90 23.06 -0.13 -50.76
N LYS C 91 23.17 0.28 -52.01
CA LYS C 91 24.16 1.29 -52.39
C LYS C 91 23.86 1.87 -53.77
N TRP C 92 24.43 3.03 -54.07
CA TRP C 92 24.21 3.66 -55.37
C TRP C 92 25.35 4.57 -55.79
N GLU C 93 25.36 4.94 -57.06
CA GLU C 93 26.36 5.83 -57.63
C GLU C 93 25.65 6.88 -58.45
N GLY C 94 26.19 8.09 -58.46
CA GLY C 94 25.57 9.15 -59.23
C GLY C 94 26.50 10.31 -59.49
N GLU C 95 25.97 11.33 -60.17
CA GLU C 95 26.74 12.51 -60.50
C GLU C 95 26.30 13.65 -59.60
N LEU C 96 27.26 14.33 -58.99
CA LEU C 96 26.95 15.43 -58.10
C LEU C 96 26.52 16.65 -58.89
N GLY C 97 25.75 17.52 -58.25
CA GLY C 97 25.26 18.72 -58.89
C GLY C 97 24.38 19.50 -57.93
N THR C 98 23.91 20.66 -58.36
CA THR C 98 23.05 21.47 -57.50
C THR C 98 21.84 21.93 -58.27
N ASP C 99 20.79 22.30 -57.55
CA ASP C 99 19.55 22.78 -58.16
C ASP C 99 18.69 23.37 -57.06
N LEU C 100 17.55 23.95 -57.45
CA LEU C 100 16.64 24.54 -56.49
C LEU C 100 15.73 23.46 -55.90
N VAL C 101 15.64 23.45 -54.58
CA VAL C 101 14.85 22.45 -53.88
C VAL C 101 13.85 23.08 -52.93
N SER C 102 12.63 22.54 -52.93
CA SER C 102 11.57 23.04 -52.06
C SER C 102 10.81 21.85 -51.46
N ILE C 103 10.06 22.12 -50.40
CA ILE C 103 9.26 21.11 -49.72
C ILE C 103 7.82 21.61 -49.67
N PRO C 104 6.98 21.14 -50.58
CA PRO C 104 5.57 21.54 -50.68
C PRO C 104 4.84 21.66 -49.34
N HIS C 105 4.96 20.64 -48.49
CA HIS C 105 4.31 20.67 -47.19
C HIS C 105 5.30 20.89 -46.06
N GLY C 106 6.24 21.82 -46.29
CA GLY C 106 7.24 22.17 -45.30
C GLY C 106 7.32 23.67 -45.29
N PRO C 107 8.42 24.27 -44.81
CA PRO C 107 8.51 25.72 -44.81
C PRO C 107 8.40 26.28 -46.23
N ASN C 108 7.72 27.40 -46.38
CA ASN C 108 7.55 28.01 -47.70
C ASN C 108 8.81 28.71 -48.16
N VAL C 109 9.82 27.92 -48.51
CA VAL C 109 11.09 28.47 -48.98
C VAL C 109 11.70 27.61 -50.07
N THR C 110 12.63 28.19 -50.82
CA THR C 110 13.32 27.47 -51.89
C THR C 110 14.81 27.70 -51.73
N VAL C 111 15.59 26.63 -51.81
CA VAL C 111 17.03 26.74 -51.65
C VAL C 111 17.80 25.91 -52.67
N ARG C 112 19.03 26.34 -52.96
CA ARG C 112 19.88 25.61 -53.89
C ARG C 112 20.72 24.67 -53.05
N ALA C 113 20.59 23.38 -53.28
CA ALA C 113 21.34 22.40 -52.51
C ALA C 113 22.02 21.38 -53.39
N ASN C 114 22.93 20.63 -52.77
CA ASN C 114 23.63 19.58 -53.48
C ASN C 114 22.66 18.43 -53.71
N ILE C 115 22.75 17.82 -54.88
CA ILE C 115 21.88 16.71 -55.24
C ILE C 115 22.67 15.66 -56.01
N ALA C 116 22.65 14.43 -55.52
CA ALA C 116 23.35 13.36 -56.20
C ALA C 116 22.35 12.70 -57.15
N ALA C 117 22.64 12.79 -58.45
CA ALA C 117 21.77 12.20 -59.45
C ALA C 117 22.14 10.72 -59.58
N ILE C 118 21.34 9.87 -58.96
CA ILE C 118 21.57 8.43 -58.99
C ILE C 118 21.43 7.85 -60.39
N THR C 119 22.54 7.35 -60.92
CA THR C 119 22.57 6.77 -62.26
C THR C 119 22.51 5.24 -62.17
N GLU C 120 23.02 4.68 -61.08
CA GLU C 120 22.99 3.24 -60.90
C GLU C 120 22.92 2.92 -59.42
N SER C 121 22.33 1.77 -59.10
CA SER C 121 22.18 1.37 -57.70
C SER C 121 22.05 -0.14 -57.58
N ASP C 122 22.16 -0.63 -56.35
CA ASP C 122 22.05 -2.07 -56.09
C ASP C 122 21.36 -2.30 -54.75
N LYS C 123 20.16 -2.86 -54.79
CA LYS C 123 19.39 -3.15 -53.59
C LYS C 123 19.12 -1.89 -52.77
N PHE C 124 18.97 -0.76 -53.47
CA PHE C 124 18.69 0.50 -52.80
C PHE C 124 17.20 0.81 -52.88
N PHE C 125 16.68 1.00 -54.09
CA PHE C 125 15.27 1.29 -54.26
C PHE C 125 14.44 0.05 -53.93
N ILE C 126 13.30 0.26 -53.29
CA ILE C 126 12.42 -0.83 -52.91
C ILE C 126 11.16 -0.85 -53.76
N ASN C 127 10.83 -2.02 -54.29
CA ASN C 127 9.66 -2.16 -55.14
C ASN C 127 8.36 -1.85 -54.41
N GLY C 128 7.69 -0.79 -54.83
CA GLY C 128 6.42 -0.40 -54.22
C GLY C 128 6.52 0.45 -52.98
N SER C 129 7.65 1.13 -52.79
CA SER C 129 7.83 1.98 -51.61
C SER C 129 7.22 3.35 -51.86
N ASN C 130 7.19 3.74 -53.14
CA ASN C 130 6.63 5.01 -53.59
C ASN C 130 7.60 6.20 -53.45
N TRP C 131 8.83 5.95 -53.03
CA TRP C 131 9.80 7.05 -52.94
C TRP C 131 10.90 6.86 -53.98
N GLU C 132 11.38 7.97 -54.54
CA GLU C 132 12.38 7.92 -55.59
C GLU C 132 13.70 8.60 -55.21
N GLY C 133 13.86 8.92 -53.94
CA GLY C 133 15.07 9.57 -53.49
C GLY C 133 15.30 9.42 -52.01
N ILE C 134 16.37 10.02 -51.50
CA ILE C 134 16.69 9.93 -50.09
C ILE C 134 17.20 11.26 -49.56
N LEU C 135 16.73 11.62 -48.37
CA LEU C 135 17.14 12.85 -47.72
C LEU C 135 17.95 12.52 -46.47
N GLY C 136 19.27 12.58 -46.61
CA GLY C 136 20.15 12.30 -45.49
C GLY C 136 20.16 13.50 -44.57
N LEU C 137 19.59 13.35 -43.38
CA LEU C 137 19.50 14.43 -42.42
C LEU C 137 20.64 14.51 -41.39
N ALA C 138 21.56 13.56 -41.44
CA ALA C 138 22.69 13.55 -40.50
C ALA C 138 23.70 14.67 -40.83
N TYR C 139 24.84 14.67 -40.15
CA TYR C 139 25.85 15.72 -40.34
C TYR C 139 26.87 15.49 -41.46
N ALA C 140 27.52 16.59 -41.86
CA ALA C 140 28.52 16.58 -42.92
C ALA C 140 29.66 15.59 -42.70
N GLU C 141 30.00 15.33 -41.43
CA GLU C 141 31.08 14.40 -41.12
C GLU C 141 30.99 13.07 -41.85
N ILE C 142 29.77 12.59 -42.09
CA ILE C 142 29.62 11.32 -42.77
C ILE C 142 29.04 11.43 -44.17
N ALA C 143 29.07 12.63 -44.73
CA ALA C 143 28.58 12.84 -46.07
C ALA C 143 29.65 12.32 -47.04
N ARG C 144 29.23 11.83 -48.19
CA ARG C 144 30.17 11.35 -49.21
C ARG C 144 30.14 12.37 -50.36
N PRO C 145 31.24 12.50 -51.10
CA PRO C 145 32.50 11.76 -50.96
C PRO C 145 33.28 12.15 -49.71
N ASP C 146 33.10 13.38 -49.24
CA ASP C 146 33.77 13.86 -48.05
C ASP C 146 32.88 14.88 -47.34
N ASP C 147 33.34 15.39 -46.20
CA ASP C 147 32.56 16.35 -45.43
C ASP C 147 32.43 17.74 -46.03
N SER C 148 32.92 17.92 -47.26
CA SER C 148 32.83 19.23 -47.91
C SER C 148 31.48 19.36 -48.62
N LEU C 149 30.82 18.23 -48.87
CA LEU C 149 29.52 18.27 -49.54
C LEU C 149 28.44 18.62 -48.51
N GLU C 150 28.10 19.90 -48.44
CA GLU C 150 27.12 20.37 -47.50
C GLU C 150 25.77 19.64 -47.60
N PRO C 151 25.29 19.08 -46.49
CA PRO C 151 24.02 18.35 -46.44
C PRO C 151 22.86 19.31 -46.68
N PHE C 152 21.71 18.77 -47.05
CA PHE C 152 20.53 19.60 -47.32
C PHE C 152 20.10 20.49 -46.16
N PHE C 153 19.89 19.90 -44.99
CA PHE C 153 19.45 20.70 -43.85
C PHE C 153 20.40 21.84 -43.56
N ASP C 154 21.70 21.57 -43.69
CA ASP C 154 22.70 22.61 -43.47
C ASP C 154 22.50 23.75 -44.45
N SER C 155 22.19 23.42 -45.70
CA SER C 155 21.95 24.44 -46.72
C SER C 155 20.67 25.21 -46.40
N LEU C 156 19.65 24.49 -45.96
CA LEU C 156 18.37 25.09 -45.61
C LEU C 156 18.54 26.14 -44.51
N VAL C 157 19.22 25.75 -43.44
CA VAL C 157 19.45 26.64 -42.32
C VAL C 157 20.30 27.85 -42.69
N LYS C 158 21.32 27.62 -43.51
CA LYS C 158 22.22 28.67 -43.93
C LYS C 158 21.59 29.67 -44.90
N GLN C 159 20.77 29.16 -45.82
CA GLN C 159 20.12 30.00 -46.81
C GLN C 159 18.81 30.64 -46.37
N THR C 160 18.20 30.12 -45.31
CA THR C 160 16.93 30.69 -44.84
C THR C 160 16.97 30.95 -43.33
N HIS C 161 15.82 31.33 -42.78
CA HIS C 161 15.71 31.61 -41.35
C HIS C 161 15.10 30.45 -40.59
N VAL C 162 14.88 29.33 -41.28
CA VAL C 162 14.32 28.15 -40.63
C VAL C 162 15.26 27.72 -39.50
N PRO C 163 14.72 27.64 -38.27
CA PRO C 163 15.50 27.25 -37.09
C PRO C 163 16.27 25.95 -37.33
N ASN C 164 17.41 25.81 -36.66
CA ASN C 164 18.24 24.62 -36.82
C ASN C 164 17.78 23.42 -36.01
N LEU C 165 16.66 22.85 -36.41
CA LEU C 165 16.12 21.67 -35.75
C LEU C 165 14.87 21.18 -36.49
N PHE C 166 14.58 19.90 -36.33
CA PHE C 166 13.40 19.30 -36.95
C PHE C 166 12.92 18.20 -36.01
N SER C 167 11.66 17.82 -36.15
CA SER C 167 11.12 16.76 -35.31
C SER C 167 10.39 15.74 -36.16
N LEU C 168 10.39 14.49 -35.72
CA LEU C 168 9.76 13.43 -36.47
C LEU C 168 8.77 12.64 -35.64
N GLN C 169 7.56 12.50 -36.19
CA GLN C 169 6.50 11.73 -35.56
C GLN C 169 6.18 10.65 -36.57
N LEU C 170 6.73 9.45 -36.36
CA LEU C 170 6.49 8.33 -37.25
C LEU C 170 5.32 7.53 -36.68
N CYS C 171 4.32 7.26 -37.49
CA CYS C 171 3.14 6.52 -37.05
C CYS C 171 2.95 5.19 -37.76
N GLY C 172 2.91 4.11 -36.98
CA GLY C 172 2.72 2.80 -37.56
C GLY C 172 1.27 2.55 -37.93
N ALA C 173 0.89 1.29 -38.05
CA ALA C 173 -0.48 0.92 -38.41
C ALA C 173 -1.22 0.36 -37.20
N VAL C 186 -1.86 8.23 -43.73
CA VAL C 186 -0.93 9.12 -43.04
C VAL C 186 0.16 8.34 -42.31
N GLY C 187 1.41 8.61 -42.67
CA GLY C 187 2.51 7.90 -42.05
C GLY C 187 3.10 8.68 -40.87
N GLY C 188 2.90 9.99 -40.86
CA GLY C 188 3.42 10.79 -39.77
C GLY C 188 3.70 12.25 -40.12
N SER C 189 4.54 12.90 -39.33
CA SER C 189 4.86 14.30 -39.56
C SER C 189 6.34 14.61 -39.40
N MET C 190 6.85 15.52 -40.23
CA MET C 190 8.22 15.99 -40.11
C MET C 190 8.11 17.49 -39.99
N ILE C 191 8.20 17.99 -38.77
CA ILE C 191 8.11 19.42 -38.53
C ILE C 191 9.49 20.02 -38.77
N ILE C 192 9.61 20.78 -39.85
CA ILE C 192 10.88 21.42 -40.20
C ILE C 192 10.99 22.77 -39.53
N GLY C 193 11.99 22.92 -38.67
CA GLY C 193 12.21 24.19 -38.00
C GLY C 193 11.55 24.33 -36.64
N GLY C 194 11.00 23.26 -36.09
CA GLY C 194 10.37 23.40 -34.79
C GLY C 194 9.70 22.19 -34.21
N ILE C 195 8.88 22.45 -33.19
CA ILE C 195 8.15 21.42 -32.47
C ILE C 195 6.67 21.77 -32.48
N ASP C 196 5.83 20.80 -32.82
CA ASP C 196 4.37 21.02 -32.85
C ASP C 196 3.79 20.27 -31.66
N HIS C 197 3.30 21.02 -30.67
CA HIS C 197 2.74 20.43 -29.45
C HIS C 197 1.53 19.52 -29.60
N SER C 198 0.86 19.57 -30.75
CA SER C 198 -0.30 18.72 -30.94
C SER C 198 0.12 17.27 -31.25
N LEU C 199 1.39 17.09 -31.57
CA LEU C 199 1.90 15.76 -31.94
C LEU C 199 2.34 14.87 -30.79
N TYR C 200 2.34 15.40 -29.56
CA TYR C 200 2.76 14.61 -28.42
C TYR C 200 2.04 14.98 -27.13
N THR C 201 2.13 14.09 -26.14
CA THR C 201 1.52 14.34 -24.83
C THR C 201 2.62 14.22 -23.78
N GLY C 202 2.36 14.79 -22.60
CA GLY C 202 3.35 14.71 -21.54
C GLY C 202 4.55 15.62 -21.78
N SER C 203 5.66 15.30 -21.12
CA SER C 203 6.87 16.10 -21.22
C SER C 203 7.92 15.54 -22.18
N LEU C 204 8.74 16.44 -22.71
CA LEU C 204 9.83 16.06 -23.60
C LEU C 204 11.08 15.88 -22.75
N TRP C 205 11.78 14.76 -22.95
CA TRP C 205 13.02 14.52 -22.21
C TRP C 205 14.16 14.51 -23.22
N TYR C 206 15.26 15.18 -22.87
CA TYR C 206 16.39 15.29 -23.79
C TYR C 206 17.65 14.53 -23.42
N THR C 207 18.26 13.92 -24.42
CA THR C 207 19.51 13.19 -24.26
C THR C 207 20.48 13.87 -25.22
N PRO C 208 21.74 14.05 -24.80
CA PRO C 208 22.73 14.70 -25.65
C PRO C 208 23.18 13.94 -26.89
N ILE C 209 23.47 14.70 -27.95
CA ILE C 209 23.99 14.10 -29.16
C ILE C 209 25.49 14.05 -28.85
N ARG C 210 26.02 12.86 -28.63
CA ARG C 210 27.42 12.70 -28.30
C ARG C 210 28.38 13.40 -29.26
N ARG C 211 28.25 13.08 -30.54
CA ARG C 211 29.11 13.66 -31.56
C ARG C 211 28.29 13.90 -32.83
N GLU C 212 28.56 15.03 -33.49
CA GLU C 212 27.83 15.37 -34.71
C GLU C 212 28.29 14.66 -35.98
N TRP C 213 27.81 13.45 -36.19
CA TRP C 213 28.12 12.70 -37.40
C TRP C 213 26.81 11.96 -37.63
N TYR C 214 26.60 10.84 -36.95
CA TYR C 214 25.31 10.17 -37.04
C TYR C 214 24.62 10.87 -35.86
N TYR C 215 23.33 10.61 -35.63
CA TYR C 215 22.69 11.20 -34.46
C TYR C 215 22.98 10.17 -33.38
N GLU C 216 24.20 10.25 -32.84
CA GLU C 216 24.67 9.33 -31.81
C GLU C 216 24.27 9.70 -30.39
N VAL C 217 23.74 8.72 -29.66
CA VAL C 217 23.32 8.92 -28.28
C VAL C 217 23.91 7.81 -27.42
N ILE C 218 23.78 7.95 -26.11
CA ILE C 218 24.31 6.99 -25.16
C ILE C 218 23.20 6.28 -24.36
N ILE C 219 23.14 4.95 -24.48
CA ILE C 219 22.17 4.17 -23.74
C ILE C 219 22.88 3.79 -22.44
N VAL C 220 22.29 4.14 -21.30
CA VAL C 220 22.92 3.89 -20.01
C VAL C 220 22.40 2.69 -19.22
N ARG C 221 21.27 2.13 -19.65
CA ARG C 221 20.68 0.99 -18.97
C ARG C 221 19.59 0.37 -19.83
N VAL C 222 19.43 -0.94 -19.71
CA VAL C 222 18.39 -1.63 -20.46
C VAL C 222 17.67 -2.59 -19.53
N GLU C 223 16.35 -2.54 -19.55
CA GLU C 223 15.55 -3.42 -18.71
C GLU C 223 14.49 -4.09 -19.58
N ILE C 224 14.16 -5.33 -19.24
CA ILE C 224 13.13 -6.08 -19.95
C ILE C 224 12.16 -6.53 -18.88
N ASN C 225 10.93 -6.02 -18.94
CA ASN C 225 9.89 -6.34 -17.96
C ASN C 225 10.36 -6.02 -16.54
N GLY C 226 11.05 -4.90 -16.39
CA GLY C 226 11.52 -4.48 -15.09
C GLY C 226 12.81 -5.07 -14.58
N GLN C 227 13.45 -5.93 -15.38
CA GLN C 227 14.71 -6.52 -14.94
C GLN C 227 15.92 -6.03 -15.72
N ASP C 228 16.87 -5.47 -14.99
CA ASP C 228 18.09 -4.94 -15.56
C ASP C 228 18.86 -6.07 -16.26
N LEU C 229 19.38 -5.80 -17.46
CA LEU C 229 20.15 -6.82 -18.16
C LEU C 229 21.48 -7.01 -17.46
N LYS C 230 21.85 -6.01 -16.66
CA LYS C 230 23.11 -6.01 -15.90
C LYS C 230 24.37 -6.16 -16.72
N MET C 231 24.35 -5.71 -17.96
CA MET C 231 25.54 -5.78 -18.82
C MET C 231 26.34 -4.49 -18.66
N ASP C 232 27.63 -4.55 -18.96
CA ASP C 232 28.45 -3.35 -18.90
C ASP C 232 27.79 -2.44 -19.93
N CYS C 233 27.37 -1.24 -19.52
CA CYS C 233 26.70 -0.35 -20.45
C CYS C 233 27.45 -0.01 -21.73
N LYS C 234 28.77 -0.21 -21.75
CA LYS C 234 29.53 0.07 -22.96
C LYS C 234 29.06 -0.91 -24.04
N GLU C 235 28.63 -2.10 -23.62
CA GLU C 235 28.15 -3.12 -24.54
C GLU C 235 26.93 -2.61 -25.30
N TYR C 236 26.12 -1.81 -24.62
CA TYR C 236 24.91 -1.24 -25.22
C TYR C 236 25.22 -0.27 -26.36
N ASN C 237 26.39 0.37 -26.28
CA ASN C 237 26.81 1.36 -27.28
C ASN C 237 28.04 0.94 -28.06
N TYR C 238 28.20 -0.37 -28.27
CA TYR C 238 29.36 -0.89 -29.01
C TYR C 238 28.98 -1.16 -30.46
N ASP C 239 29.56 -0.42 -31.41
CA ASP C 239 30.55 0.62 -31.13
C ASP C 239 29.95 2.02 -31.10
N LYS C 240 28.62 2.08 -31.04
CA LYS C 240 27.89 3.34 -30.97
C LYS C 240 26.40 3.03 -30.99
N SER C 241 25.60 4.04 -30.70
CA SER C 241 24.15 3.92 -30.72
C SER C 241 23.61 5.11 -31.50
N ILE C 242 22.76 4.85 -32.49
CA ILE C 242 22.22 5.95 -33.29
C ILE C 242 20.70 5.88 -33.45
N VAL C 243 20.11 7.03 -33.79
CA VAL C 243 18.68 7.12 -34.03
C VAL C 243 18.56 7.20 -35.56
N ASP C 244 17.94 6.19 -36.15
CA ASP C 244 17.83 6.16 -37.60
C ASP C 244 16.43 5.87 -38.15
N SER C 245 15.79 6.91 -38.69
CA SER C 245 14.46 6.79 -39.27
C SER C 245 14.50 5.90 -40.51
N GLY C 246 15.71 5.71 -41.04
CA GLY C 246 15.89 4.89 -42.23
C GLY C 246 16.15 3.40 -41.97
N THR C 247 16.01 2.99 -40.71
CA THR C 247 16.19 1.58 -40.36
C THR C 247 14.86 1.14 -39.78
N THR C 248 14.38 -0.02 -40.22
CA THR C 248 13.10 -0.53 -39.75
C THR C 248 13.10 -1.02 -38.30
N ASN C 249 14.01 -1.95 -38.02
CA ASN C 249 14.11 -2.58 -36.70
C ASN C 249 14.90 -1.86 -35.62
N LEU C 250 14.91 -2.50 -34.45
CA LEU C 250 15.71 -2.07 -33.33
C LEU C 250 16.86 -3.04 -33.54
N ARG C 251 18.04 -2.53 -33.84
CA ARG C 251 19.17 -3.41 -34.05
C ARG C 251 20.11 -3.25 -32.87
N LEU C 252 20.62 -4.38 -32.39
CA LEU C 252 21.49 -4.39 -31.22
C LEU C 252 22.77 -5.19 -31.42
N PRO C 253 23.85 -4.79 -30.75
CA PRO C 253 25.13 -5.50 -30.86
C PRO C 253 24.89 -6.97 -30.50
N LYS C 254 25.63 -7.86 -31.14
CA LYS C 254 25.50 -9.30 -30.91
C LYS C 254 25.25 -9.68 -29.45
N LYS C 255 26.17 -9.30 -28.57
CA LYS C 255 26.05 -9.61 -27.15
C LYS C 255 24.72 -9.14 -26.55
N VAL C 256 24.35 -7.90 -26.82
CA VAL C 256 23.10 -7.36 -26.29
C VAL C 256 21.90 -8.05 -26.91
N PHE C 257 21.95 -8.27 -28.22
CA PHE C 257 20.87 -8.93 -28.94
C PHE C 257 20.61 -10.31 -28.35
N GLU C 258 21.68 -11.06 -28.11
CA GLU C 258 21.56 -12.41 -27.56
C GLU C 258 20.88 -12.40 -26.19
N ALA C 259 21.28 -11.46 -25.33
CA ALA C 259 20.69 -11.37 -24.00
C ALA C 259 19.20 -11.02 -24.11
N ALA C 260 18.89 -10.05 -24.97
CA ALA C 260 17.50 -9.62 -25.15
C ALA C 260 16.63 -10.78 -25.63
N VAL C 261 17.04 -11.42 -26.72
CA VAL C 261 16.26 -12.54 -27.26
C VAL C 261 16.09 -13.63 -26.22
N LYS C 262 17.16 -13.98 -25.52
CA LYS C 262 17.10 -15.02 -24.49
C LYS C 262 16.04 -14.67 -23.45
N SER C 263 15.91 -13.38 -23.15
CA SER C 263 14.94 -12.91 -22.16
C SER C 263 13.52 -12.88 -22.73
N ILE C 264 13.39 -12.41 -23.96
CA ILE C 264 12.08 -12.33 -24.59
C ILE C 264 11.54 -13.74 -24.85
N LYS C 265 12.43 -14.66 -25.21
CA LYS C 265 12.04 -16.05 -25.46
C LYS C 265 11.45 -16.66 -24.19
N ALA C 266 12.18 -16.50 -23.08
CA ALA C 266 11.76 -17.04 -21.79
C ALA C 266 10.40 -16.49 -21.38
N ALA C 267 10.21 -15.19 -21.55
CA ALA C 267 8.95 -14.54 -21.19
C ALA C 267 7.79 -15.05 -22.03
N SER C 268 8.07 -15.44 -23.26
CA SER C 268 7.04 -15.94 -24.16
C SER C 268 7.14 -17.44 -24.40
N SER C 269 7.81 -18.15 -23.50
CA SER C 269 7.97 -19.60 -23.63
C SER C 269 6.65 -20.32 -23.52
N THR C 270 5.58 -19.58 -23.24
CA THR C 270 4.25 -20.15 -23.10
C THR C 270 3.69 -20.59 -24.45
N GLU C 271 4.44 -20.31 -25.51
CA GLU C 271 4.03 -20.69 -26.86
C GLU C 271 5.23 -21.01 -27.74
N LYS C 272 4.97 -21.66 -28.88
CA LYS C 272 6.02 -22.03 -29.81
C LYS C 272 5.91 -21.18 -31.07
N PHE C 273 7.05 -20.77 -31.61
CA PHE C 273 7.08 -19.94 -32.80
C PHE C 273 7.79 -20.62 -33.96
N PRO C 274 7.24 -20.46 -35.18
CA PRO C 274 7.80 -21.04 -36.40
C PRO C 274 9.30 -20.84 -36.49
N ASP C 275 9.99 -21.82 -37.08
CA ASP C 275 11.44 -21.74 -37.22
C ASP C 275 11.82 -20.50 -38.02
N GLY C 276 12.83 -19.78 -37.54
CA GLY C 276 13.29 -18.58 -38.23
C GLY C 276 12.63 -17.31 -37.76
N PHE C 277 11.64 -17.42 -36.89
CA PHE C 277 10.93 -16.26 -36.37
C PHE C 277 11.85 -15.31 -35.62
N TRP C 278 12.64 -15.86 -34.69
CA TRP C 278 13.54 -15.05 -33.89
C TRP C 278 14.68 -14.41 -34.67
N LEU C 279 14.79 -14.76 -35.95
CA LEU C 279 15.83 -14.19 -36.80
C LEU C 279 15.22 -13.13 -37.71
N GLY C 280 13.97 -12.78 -37.46
CA GLY C 280 13.30 -11.78 -38.26
C GLY C 280 12.92 -12.30 -39.63
N GLU C 281 13.19 -13.58 -39.87
CA GLU C 281 12.89 -14.19 -41.16
C GLU C 281 11.41 -14.56 -41.26
N GLN C 282 11.06 -15.70 -40.67
CA GLN C 282 9.69 -16.19 -40.71
C GLN C 282 8.75 -15.44 -39.77
N LEU C 283 7.52 -15.25 -40.23
CA LEU C 283 6.51 -14.54 -39.44
C LEU C 283 5.60 -15.49 -38.68
N VAL C 284 4.90 -14.94 -37.70
CA VAL C 284 3.97 -15.71 -36.87
C VAL C 284 2.58 -15.15 -37.03
N CYS C 285 1.57 -15.98 -36.81
CA CYS C 285 0.18 -15.53 -36.93
C CYS C 285 -0.69 -16.04 -35.81
N TRP C 286 -1.83 -15.39 -35.62
CA TRP C 286 -2.81 -15.74 -34.60
C TRP C 286 -4.17 -15.32 -35.16
N GLN C 287 -5.23 -15.95 -34.69
CA GLN C 287 -6.56 -15.59 -35.17
C GLN C 287 -6.81 -14.11 -34.92
N ALA C 288 -7.58 -13.48 -35.82
CA ALA C 288 -7.90 -12.07 -35.72
C ALA C 288 -8.24 -11.66 -34.29
N GLY C 289 -7.44 -10.75 -33.74
CA GLY C 289 -7.68 -10.25 -32.39
C GLY C 289 -7.32 -11.19 -31.26
N THR C 290 -6.53 -12.22 -31.54
CA THR C 290 -6.15 -13.17 -30.51
C THR C 290 -4.66 -13.13 -30.18
N THR C 291 -3.95 -12.15 -30.72
CA THR C 291 -2.51 -12.02 -30.45
C THR C 291 -2.30 -11.89 -28.95
N PRO C 292 -1.50 -12.79 -28.36
CA PRO C 292 -1.18 -12.81 -26.93
C PRO C 292 -0.11 -11.80 -26.51
N TRP C 293 -0.43 -10.52 -26.63
CA TRP C 293 0.52 -9.47 -26.28
C TRP C 293 1.09 -9.60 -24.88
N ASN C 294 0.22 -9.91 -23.92
CA ASN C 294 0.61 -10.05 -22.52
C ASN C 294 1.84 -10.91 -22.26
N ILE C 295 2.12 -11.89 -23.11
CA ILE C 295 3.29 -12.74 -22.89
C ILE C 295 4.58 -12.10 -23.38
N PHE C 296 4.46 -11.06 -24.20
CA PHE C 296 5.63 -10.35 -24.71
C PHE C 296 5.96 -9.19 -23.77
N PRO C 297 7.21 -9.15 -23.29
CA PRO C 297 7.71 -8.13 -22.38
C PRO C 297 7.90 -6.73 -22.95
N VAL C 298 7.91 -5.75 -22.06
CA VAL C 298 8.12 -4.36 -22.46
C VAL C 298 9.64 -4.15 -22.34
N ILE C 299 10.20 -3.34 -23.23
CA ILE C 299 11.64 -3.09 -23.18
C ILE C 299 11.90 -1.64 -22.82
N SER C 300 12.72 -1.41 -21.80
CA SER C 300 13.04 -0.05 -21.38
C SER C 300 14.47 0.31 -21.73
N LEU C 301 14.62 1.35 -22.54
CA LEU C 301 15.93 1.82 -22.94
C LEU C 301 16.16 3.14 -22.21
N TYR C 302 17.13 3.15 -21.30
CA TYR C 302 17.43 4.37 -20.55
C TYR C 302 18.46 5.18 -21.33
N LEU C 303 18.14 6.45 -21.56
CA LEU C 303 19.06 7.33 -22.30
C LEU C 303 19.69 8.32 -21.33
N MET C 304 20.98 8.55 -21.51
CA MET C 304 21.70 9.48 -20.65
C MET C 304 21.11 10.88 -20.70
N GLY C 305 20.88 11.46 -19.52
CA GLY C 305 20.31 12.79 -19.49
C GLY C 305 21.38 13.83 -19.78
N GLU C 306 20.96 15.07 -19.97
CA GLU C 306 21.92 16.14 -20.22
C GLU C 306 22.72 16.25 -18.92
N VAL C 307 22.07 15.87 -17.81
CA VAL C 307 22.69 15.81 -16.49
C VAL C 307 22.39 14.37 -16.06
N THR C 308 23.38 13.66 -15.54
CA THR C 308 23.20 12.25 -15.18
C THR C 308 22.16 11.91 -14.11
N ASN C 309 21.56 12.93 -13.50
CA ASN C 309 20.52 12.68 -12.51
C ASN C 309 19.21 13.11 -13.18
N GLN C 310 19.29 13.36 -14.48
CA GLN C 310 18.16 13.77 -15.30
C GLN C 310 17.98 12.81 -16.47
N SER C 311 18.49 11.59 -16.32
CA SER C 311 18.35 10.59 -17.38
C SER C 311 16.89 10.14 -17.42
N PHE C 312 16.54 9.38 -18.44
CA PHE C 312 15.15 8.92 -18.58
C PHE C 312 15.09 7.63 -19.36
N ARG C 313 13.91 7.02 -19.39
CA ARG C 313 13.75 5.78 -20.12
C ARG C 313 12.57 5.90 -21.08
N ILE C 314 12.64 5.18 -22.18
CA ILE C 314 11.54 5.15 -23.12
C ILE C 314 11.19 3.66 -23.10
N THR C 315 9.92 3.34 -22.94
CA THR C 315 9.52 1.94 -22.89
C THR C 315 8.89 1.49 -24.19
N ILE C 316 9.36 0.35 -24.68
CA ILE C 316 8.90 -0.21 -25.94
C ILE C 316 7.96 -1.39 -25.74
N LEU C 317 6.77 -1.29 -26.32
CA LEU C 317 5.78 -2.36 -26.21
C LEU C 317 5.93 -3.36 -27.35
N PRO C 318 5.42 -4.58 -27.17
CA PRO C 318 5.51 -5.60 -28.21
C PRO C 318 4.78 -5.16 -29.48
N GLN C 319 3.78 -4.30 -29.32
CA GLN C 319 3.05 -3.81 -30.48
C GLN C 319 4.00 -3.03 -31.39
N GLN C 320 5.16 -2.69 -30.83
CA GLN C 320 6.19 -1.96 -31.57
C GLN C 320 7.21 -2.90 -32.20
N TYR C 321 7.74 -3.84 -31.42
CA TYR C 321 8.74 -4.73 -31.98
C TYR C 321 8.23 -5.98 -32.68
N LEU C 322 6.91 -6.07 -32.82
CA LEU C 322 6.28 -7.18 -33.55
C LEU C 322 5.63 -6.46 -34.72
N ARG C 323 6.38 -6.31 -35.81
CA ARG C 323 5.90 -5.61 -36.99
C ARG C 323 4.84 -6.38 -37.77
N PRO C 324 3.68 -5.76 -37.98
CA PRO C 324 2.55 -6.35 -38.71
C PRO C 324 2.88 -6.62 -40.17
N VAL C 325 2.50 -7.80 -40.65
CA VAL C 325 2.74 -8.18 -42.04
C VAL C 325 1.52 -8.88 -42.63
N GLU C 326 1.31 -8.71 -43.93
CA GLU C 326 0.19 -9.34 -44.61
C GLU C 326 0.35 -10.86 -44.55
N ASP C 327 -0.72 -11.57 -44.18
CA ASP C 327 -0.65 -13.02 -44.12
C ASP C 327 -0.46 -13.56 -45.53
N VAL C 328 0.43 -14.54 -45.68
CA VAL C 328 0.70 -15.12 -46.98
C VAL C 328 -0.42 -16.06 -47.43
N ALA C 329 -1.07 -16.71 -46.45
CA ALA C 329 -2.15 -17.63 -46.74
C ALA C 329 -3.51 -16.94 -46.63
N THR C 330 -4.51 -17.53 -47.27
CA THR C 330 -5.87 -16.98 -47.25
C THR C 330 -6.48 -17.14 -45.86
N SER C 331 -6.51 -16.05 -45.11
CA SER C 331 -7.06 -16.06 -43.76
C SER C 331 -7.35 -14.65 -43.26
N GLN C 332 -7.88 -14.58 -42.05
CA GLN C 332 -8.20 -13.30 -41.42
C GLN C 332 -7.28 -13.14 -40.22
N ASP C 333 -6.24 -13.98 -40.17
CA ASP C 333 -5.28 -13.98 -39.09
C ASP C 333 -4.37 -12.75 -39.07
N ASP C 334 -3.91 -12.41 -37.87
CA ASP C 334 -3.01 -11.28 -37.69
C ASP C 334 -1.60 -11.85 -37.60
N CYS C 335 -0.76 -11.49 -38.57
CA CYS C 335 0.61 -11.99 -38.60
C CYS C 335 1.62 -10.89 -38.32
N TYR C 336 2.79 -11.29 -37.83
CA TYR C 336 3.84 -10.32 -37.51
C TYR C 336 5.24 -10.87 -37.75
N LYS C 337 6.21 -9.96 -37.81
CA LYS C 337 7.61 -10.31 -37.98
C LYS C 337 8.37 -9.68 -36.81
N PHE C 338 9.35 -10.42 -36.28
CA PHE C 338 10.15 -9.94 -35.16
C PHE C 338 11.01 -8.76 -35.62
N ALA C 339 10.71 -7.57 -35.12
CA ALA C 339 11.45 -6.37 -35.53
C ALA C 339 12.65 -5.99 -34.66
N ILE C 340 13.31 -7.01 -34.11
CA ILE C 340 14.51 -6.81 -33.31
C ILE C 340 15.53 -7.73 -33.97
N SER C 341 16.66 -7.18 -34.39
CA SER C 341 17.68 -7.99 -35.04
C SER C 341 19.09 -7.59 -34.60
N GLN C 342 20.06 -8.41 -34.96
CA GLN C 342 21.45 -8.19 -34.58
C GLN C 342 22.21 -7.23 -35.50
N SER C 343 23.10 -6.44 -34.90
CA SER C 343 23.90 -5.47 -35.64
C SER C 343 25.39 -5.64 -35.32
N SER C 344 26.23 -5.31 -36.30
CA SER C 344 27.68 -5.41 -36.12
C SER C 344 28.27 -3.99 -36.17
N THR C 345 27.40 -2.99 -36.27
CA THR C 345 27.85 -1.61 -36.32
C THR C 345 27.23 -0.76 -35.22
N GLY C 346 26.91 -1.41 -34.10
CA GLY C 346 26.32 -0.70 -32.98
C GLY C 346 24.82 -0.73 -32.93
N THR C 347 24.26 -0.19 -31.85
CA THR C 347 22.82 -0.15 -31.66
C THR C 347 22.17 0.82 -32.64
N VAL C 348 21.05 0.39 -33.22
CA VAL C 348 20.32 1.26 -34.13
C VAL C 348 18.87 1.35 -33.65
N MET C 349 18.46 2.55 -33.23
CA MET C 349 17.09 2.75 -32.79
C MET C 349 16.30 3.12 -34.04
N GLY C 350 15.73 2.10 -34.67
CA GLY C 350 14.99 2.28 -35.91
C GLY C 350 13.56 2.78 -35.79
N ALA C 351 12.84 2.69 -36.91
CA ALA C 351 11.47 3.14 -37.01
C ALA C 351 10.54 2.51 -35.99
N VAL C 352 10.68 1.20 -35.76
CA VAL C 352 9.81 0.53 -34.78
C VAL C 352 9.99 1.14 -33.39
N ILE C 353 11.14 1.74 -33.15
CA ILE C 353 11.40 2.37 -31.86
C ILE C 353 10.85 3.80 -31.88
N MET C 354 11.10 4.51 -32.97
CA MET C 354 10.63 5.89 -33.12
C MET C 354 9.11 6.00 -33.18
N GLU C 355 8.43 4.98 -33.73
CA GLU C 355 6.99 5.00 -33.79
C GLU C 355 6.46 5.02 -32.35
N GLY C 356 5.44 5.80 -32.08
CA GLY C 356 4.93 5.87 -30.72
C GLY C 356 5.59 6.96 -29.91
N PHE C 357 6.65 7.57 -30.45
CA PHE C 357 7.34 8.66 -29.78
C PHE C 357 7.50 9.83 -30.73
N TYR C 358 7.52 11.05 -30.18
CA TYR C 358 7.73 12.24 -30.97
C TYR C 358 9.20 12.54 -30.68
N VAL C 359 10.03 12.48 -31.72
CA VAL C 359 11.46 12.68 -31.59
C VAL C 359 11.94 14.01 -32.14
N VAL C 360 12.56 14.81 -31.27
CA VAL C 360 13.06 16.13 -31.64
C VAL C 360 14.56 16.11 -31.88
N PHE C 361 14.97 16.44 -33.09
CA PHE C 361 16.38 16.48 -33.43
C PHE C 361 16.78 17.95 -33.29
N ASP C 362 17.10 18.32 -32.06
CA ASP C 362 17.48 19.69 -31.72
C ASP C 362 18.96 19.90 -32.02
N ARG C 363 19.27 20.11 -33.29
CA ARG C 363 20.64 20.32 -33.71
C ARG C 363 21.24 21.56 -33.05
N ALA C 364 20.44 22.62 -32.93
CA ALA C 364 20.91 23.86 -32.33
C ALA C 364 21.48 23.66 -30.92
N ARG C 365 20.87 22.76 -30.16
CA ARG C 365 21.34 22.50 -28.80
C ARG C 365 22.00 21.13 -28.60
N LYS C 366 22.41 20.52 -29.71
CA LYS C 366 23.08 19.22 -29.69
C LYS C 366 22.38 18.21 -28.77
N ARG C 367 21.09 18.02 -28.98
CA ARG C 367 20.34 17.08 -28.16
C ARG C 367 19.14 16.51 -28.91
N ILE C 368 18.66 15.36 -28.44
CA ILE C 368 17.52 14.70 -29.04
C ILE C 368 16.46 14.52 -27.96
N GLY C 369 15.24 14.98 -28.25
CA GLY C 369 14.18 14.87 -27.26
C GLY C 369 13.17 13.78 -27.60
N PHE C 370 12.59 13.18 -26.57
CA PHE C 370 11.59 12.14 -26.74
C PHE C 370 10.36 12.47 -25.89
N ALA C 371 9.19 12.24 -26.47
CA ALA C 371 7.91 12.45 -25.80
C ALA C 371 6.95 11.41 -26.36
N VAL C 372 5.97 11.02 -25.58
CA VAL C 372 5.00 10.05 -26.06
C VAL C 372 4.28 10.69 -27.24
N SER C 373 4.16 9.95 -28.33
CA SER C 373 3.50 10.47 -29.54
C SER C 373 1.98 10.39 -29.49
N ALA C 374 1.33 11.27 -30.23
CA ALA C 374 -0.12 11.30 -30.28
C ALA C 374 -0.63 10.07 -31.03
N CYS C 375 0.25 9.42 -31.79
CA CYS C 375 -0.14 8.24 -32.55
C CYS C 375 0.53 6.97 -32.04
N HIS C 376 0.59 6.81 -30.73
CA HIS C 376 1.20 5.62 -30.13
C HIS C 376 0.30 4.39 -30.25
N VAL C 377 0.89 3.21 -30.08
CA VAL C 377 0.14 1.96 -30.14
C VAL C 377 -0.74 1.84 -28.91
N HIS C 378 -1.91 1.22 -29.08
CA HIS C 378 -2.83 1.08 -27.97
C HIS C 378 -2.89 -0.31 -27.37
N ASP C 379 -2.37 -0.44 -26.14
CA ASP C 379 -2.39 -1.71 -25.43
C ASP C 379 -3.37 -1.54 -24.28
N GLU C 380 -4.24 -2.53 -24.11
CA GLU C 380 -5.25 -2.47 -23.07
C GLU C 380 -4.75 -2.28 -21.64
N PHE C 381 -3.63 -2.89 -21.29
CA PHE C 381 -3.12 -2.77 -19.92
C PHE C 381 -1.80 -2.03 -19.74
N ARG C 382 -0.99 -1.96 -20.79
CA ARG C 382 0.30 -1.28 -20.69
C ARG C 382 0.36 -0.12 -21.69
N THR C 383 1.21 0.85 -21.42
CA THR C 383 1.34 1.99 -22.32
C THR C 383 2.80 2.41 -22.48
N ALA C 384 3.21 2.63 -23.72
CA ALA C 384 4.56 3.07 -23.98
C ALA C 384 4.76 4.37 -23.21
N ALA C 385 5.98 4.67 -22.81
CA ALA C 385 6.19 5.89 -22.05
C ALA C 385 7.60 6.43 -22.10
N VAL C 386 7.73 7.67 -21.67
CA VAL C 386 9.01 8.38 -21.57
C VAL C 386 8.96 8.84 -20.12
N GLU C 387 9.81 8.24 -19.28
CA GLU C 387 9.77 8.59 -17.87
C GLU C 387 11.10 9.03 -17.27
N GLY C 388 11.01 10.02 -16.39
CA GLY C 388 12.18 10.54 -15.71
C GLY C 388 11.74 11.20 -14.43
N PRO C 389 12.67 11.61 -13.57
CA PRO C 389 14.10 11.45 -13.80
C PRO C 389 14.67 10.15 -13.24
N PHE C 390 15.84 9.77 -13.76
CA PHE C 390 16.55 8.58 -13.29
C PHE C 390 18.01 8.97 -13.13
N VAL C 391 18.66 8.40 -12.11
CA VAL C 391 20.07 8.65 -11.88
C VAL C 391 20.80 7.47 -12.49
N THR C 392 21.71 7.75 -13.41
CA THR C 392 22.43 6.68 -14.10
C THR C 392 23.91 6.96 -14.26
N LEU C 393 24.60 6.02 -14.90
CA LEU C 393 26.02 6.15 -15.19
C LEU C 393 26.18 7.26 -16.21
N ASP C 394 27.39 7.79 -16.34
CA ASP C 394 27.65 8.88 -17.28
C ASP C 394 28.26 8.42 -18.60
N MET C 395 28.60 9.40 -19.43
CA MET C 395 29.19 9.12 -20.74
C MET C 395 30.52 8.40 -20.64
N GLU C 396 31.27 8.67 -19.57
CA GLU C 396 32.56 8.04 -19.39
C GLU C 396 32.41 6.53 -19.15
N ASP C 397 31.39 6.13 -18.42
CA ASP C 397 31.17 4.73 -18.12
C ASP C 397 30.49 3.94 -19.25
N CYS C 398 29.73 4.62 -20.08
CA CYS C 398 29.00 3.94 -21.14
C CYS C 398 29.43 4.20 -22.58
N GLY C 399 30.11 5.32 -22.80
CA GLY C 399 30.55 5.64 -24.14
C GLY C 399 31.67 4.75 -24.63
N TYR C 400 31.62 4.40 -25.91
CA TYR C 400 32.65 3.55 -26.50
C TYR C 400 33.74 4.43 -27.11
N ASN C 401 34.99 3.99 -26.98
CA ASN C 401 36.12 4.72 -27.53
C ASN C 401 37.12 3.76 -28.19
N LEU D 2 -1.08 -16.56 8.31
CA LEU D 2 -0.90 -15.97 9.61
C LEU D 2 -1.00 -14.44 9.53
N MET D 3 -1.50 -13.80 10.60
CA MET D 3 -1.66 -12.33 10.56
C MET D 3 -1.51 -11.87 12.00
N VAL D 5 -0.14 -6.59 16.26
CA VAL D 5 -1.00 -6.25 17.33
C VAL D 5 -2.05 -5.25 16.84
N LEU E 2 -22.38 12.68 22.76
CA LEU E 2 -23.55 11.82 22.71
C LEU E 2 -24.35 11.90 24.01
N MET E 3 -25.69 11.74 23.92
CA MET E 3 -26.52 11.84 25.14
C MET E 3 -27.71 10.95 24.88
N VAL E 5 -32.91 7.36 27.69
CA VAL E 5 -34.28 7.51 27.25
C VAL E 5 -34.94 8.62 28.04
N LEU F 2 14.34 -2.32 -43.77
CA LEU F 2 15.20 -1.31 -44.32
C LEU F 2 16.41 -1.06 -43.40
N MET F 3 17.58 -0.69 -43.99
CA MET F 3 18.77 -0.47 -43.16
C MET F 3 19.60 0.56 -43.90
N VAL F 5 24.58 5.34 -43.49
CA VAL F 5 25.69 5.35 -44.41
C VAL F 5 26.81 4.48 -43.85
#